data_5XRV
#
_entry.id   5XRV
#
_cell.length_a   100.869
_cell.length_b   183.423
_cell.length_c   98.841
_cell.angle_alpha   90.00
_cell.angle_beta   90.00
_cell.angle_gamma   90.00
#
_symmetry.space_group_name_H-M   'C 2 2 21'
#
loop_
_entity.id
_entity.type
_entity.pdbx_description
1 polymer Transketolase
2 non-polymer 'CALCIUM ION'
3 non-polymer 'FRUCTOSE -6-PHOSPHATE'
4 non-polymer '2-[(5S)-3-[(4-azanyl-2-methyl-pyrimidin-5-yl)methyl]-4-methylidene-1,3-thiazolidin-5-yl]ethyl phosphono hydrogen phosphate'
5 non-polymer DI(HYDROXYETHYL)ETHER
6 non-polymer 'THIAMINE DIPHOSPHATE'
7 water water
#
_entity_poly.entity_id   1
_entity_poly.type   'polypeptide(L)'
_entity_poly.pdbx_seq_one_letter_code
;MGSSHHHHHHSSGLVPRGSHMSSVDQKAISTIRLLAVDAVAAANSGHPGAPLGLAPAAHAVFKKMRFNPKDTKWINRDRF
VLSNGHACALLYSMLVLYGYDLTVEDLKKFRQLGSKTPGHPENTDVPGAEVTTGPLGQGICNGVGIALAQAQFAATYNKP
DFPISDSYTYVFLGDGCLMEGVSSEASSLAGHLQLGNLIAFWDDNKISIDGSTEVAFTEDVIARYKSYGWHIVEVSDADT
DITAIAAAIDEAKKVTNKPTLVRLTTTIGFGSLAQGTHGVHGAPLKADDIKQLKTKWGFNPEESFAVPAEVTASYNEHVA
ENQKIQQQWNELFAAYKQKYPELGAELQRRLDGKLPENWDKALPVYTPADAAVATRKLSEIVLSKIIPEVPEIIGGSADL
TPSNLTKAKGTVDFQPAATGLGDYSGRYIRYGVREHAMGAIMNGIAAFGANYKNYGGTFLNFVSYAAGAVRLSALSEFPI
TWVATHDSIGLGEDGPTHQPIETLAHFRATPNISVWRPADGNETSAAYKSAIESTHTPHILALTRQNLPQLEGSSIEKAS
KGGYTLVQQDKADIIIVATGSEVSLAVDALKVLEGQGIKAGVVSLPDQLTFDKQSEEYKLSVLPDGVPILSVEVMSTFGW
SKYSHQQFGLNRFGASGKAPEIFKLFEFTPEGVAERAAKTVAFYKGKDVVSPLRSAF
;
_entity_poly.pdbx_strand_id   A
#
# COMPACT_ATOMS: atom_id res chain seq x y z
N SER A 23 -37.31 16.96 9.51
CA SER A 23 -36.54 17.77 8.53
C SER A 23 -36.00 16.89 7.40
N VAL A 24 -35.45 17.54 6.39
CA VAL A 24 -34.83 16.80 5.29
C VAL A 24 -33.55 16.11 5.79
N ASP A 25 -32.82 16.75 6.71
CA ASP A 25 -31.63 16.12 7.29
C ASP A 25 -32.02 14.82 7.98
N GLN A 26 -33.09 14.85 8.78
CA GLN A 26 -33.57 13.66 9.48
C GLN A 26 -33.96 12.58 8.47
N LYS A 27 -34.64 12.97 7.41
CA LYS A 27 -35.03 12.03 6.37
C LYS A 27 -33.83 11.41 5.65
N ALA A 28 -32.81 12.21 5.38
CA ALA A 28 -31.58 11.71 4.79
C ALA A 28 -30.92 10.65 5.67
N ILE A 29 -30.83 10.95 6.97
CA ILE A 29 -30.23 10.01 7.92
C ILE A 29 -31.00 8.68 7.94
N SER A 30 -32.33 8.76 7.99
CA SER A 30 -33.15 7.56 7.94
C SER A 30 -32.97 6.80 6.62
N THR A 31 -32.87 7.54 5.52
CA THR A 31 -32.67 6.92 4.21
C THR A 31 -31.36 6.11 4.18
N ILE A 32 -30.30 6.74 4.67
CA ILE A 32 -28.97 6.09 4.75
C ILE A 32 -29.05 4.81 5.59
N ARG A 33 -29.61 4.93 6.79
CA ARG A 33 -29.76 3.80 7.69
C ARG A 33 -30.50 2.64 7.04
N LEU A 34 -31.63 2.95 6.40
CA LEU A 34 -32.47 1.92 5.82
C LEU A 34 -31.90 1.34 4.54
N LEU A 35 -31.20 2.14 3.73
CA LEU A 35 -30.49 1.56 2.57
C LEU A 35 -29.46 0.54 3.05
N ALA A 36 -28.73 0.89 4.11
CA ALA A 36 -27.69 -0.01 4.61
C ALA A 36 -28.28 -1.33 5.12
N VAL A 37 -29.34 -1.22 5.92
CA VAL A 37 -30.01 -2.40 6.47
C VAL A 37 -30.65 -3.26 5.37
N ASP A 38 -31.26 -2.61 4.38
CA ASP A 38 -31.85 -3.33 3.25
C ASP A 38 -30.79 -4.04 2.40
N ALA A 39 -29.62 -3.42 2.23
CA ALA A 39 -28.53 -4.04 1.49
C ALA A 39 -28.07 -5.35 2.19
N VAL A 40 -27.87 -5.25 3.50
CA VAL A 40 -27.51 -6.40 4.32
C VAL A 40 -28.61 -7.46 4.24
N ALA A 41 -29.87 -7.03 4.29
CA ALA A 41 -30.98 -7.98 4.23
C ALA A 41 -31.02 -8.74 2.92
N ALA A 42 -30.79 -8.03 1.82
CA ALA A 42 -30.83 -8.64 0.48
C ALA A 42 -29.75 -9.71 0.31
N ALA A 43 -28.57 -9.42 0.86
CA ALA A 43 -27.43 -10.35 0.82
C ALA A 43 -27.57 -11.48 1.83
N ASN A 44 -28.39 -11.28 2.85
CA ASN A 44 -28.41 -12.12 4.04
C ASN A 44 -27.00 -12.32 4.60
N SER A 45 -26.24 -11.24 4.58
CA SER A 45 -24.85 -11.24 4.99
C SER A 45 -24.42 -9.80 5.19
N GLY A 46 -23.62 -9.55 6.21
CA GLY A 46 -23.00 -8.25 6.41
C GLY A 46 -23.34 -7.60 7.72
N HIS A 47 -23.03 -6.31 7.81
CA HIS A 47 -22.84 -5.62 9.07
C HIS A 47 -23.75 -4.38 9.15
N PRO A 48 -24.88 -4.49 9.86
CA PRO A 48 -25.82 -3.36 9.95
C PRO A 48 -25.55 -2.41 11.11
N GLY A 49 -24.79 -2.85 12.12
CA GLY A 49 -24.72 -2.09 13.37
C GLY A 49 -24.02 -0.75 13.26
N ALA A 50 -22.78 -0.77 12.78
CA ALA A 50 -22.04 0.49 12.66
C ALA A 50 -22.67 1.44 11.63
N PRO A 51 -23.20 0.92 10.51
CA PRO A 51 -23.94 1.84 9.62
C PRO A 51 -25.10 2.57 10.29
N LEU A 52 -25.87 1.85 11.10
CA LEU A 52 -26.95 2.50 11.84
C LEU A 52 -26.43 3.56 12.80
N GLY A 53 -25.34 3.25 13.50
CA GLY A 53 -24.78 4.15 14.48
C GLY A 53 -24.09 5.38 13.89
N LEU A 54 -23.52 5.24 12.69
CA LEU A 54 -22.72 6.29 12.07
C LEU A 54 -23.41 7.07 10.98
N ALA A 55 -24.67 6.75 10.67
CA ALA A 55 -25.36 7.48 9.61
C ALA A 55 -25.48 9.00 9.90
N PRO A 56 -25.78 9.42 11.15
CA PRO A 56 -25.78 10.87 11.40
C PRO A 56 -24.44 11.54 11.11
N ALA A 57 -23.36 10.92 11.59
CA ALA A 57 -22.04 11.45 11.34
C ALA A 57 -21.68 11.44 9.85
N ALA A 58 -22.01 10.35 9.14
CA ALA A 58 -21.74 10.30 7.70
C ALA A 58 -22.48 11.42 6.97
N HIS A 59 -23.75 11.61 7.31
CA HIS A 59 -24.51 12.69 6.71
C HIS A 59 -23.83 14.06 6.94
N ALA A 60 -23.44 14.32 8.18
CA ALA A 60 -22.81 15.59 8.55
C ALA A 60 -21.45 15.81 7.86
N VAL A 61 -20.63 14.75 7.81
CA VAL A 61 -19.30 14.86 7.23
C VAL A 61 -19.40 15.06 5.71
N PHE A 62 -20.23 14.26 5.05
CA PHE A 62 -20.34 14.41 3.59
C PHE A 62 -20.90 15.80 3.21
N LYS A 63 -21.78 16.37 4.04
CA LYS A 63 -22.23 17.75 3.79
C LYS A 63 -21.13 18.80 3.89
N LYS A 64 -20.12 18.55 4.73
CA LYS A 64 -18.95 19.44 4.84
C LYS A 64 -17.90 19.19 3.77
N MET A 65 -17.89 17.99 3.18
CA MET A 65 -16.86 17.61 2.22
C MET A 65 -17.09 18.21 0.84
N ARG A 66 -15.97 18.50 0.19
CA ARG A 66 -15.93 18.94 -1.21
C ARG A 66 -15.50 17.75 -2.06
N PHE A 67 -16.32 17.38 -3.03
CA PHE A 67 -16.09 16.21 -3.88
C PHE A 67 -16.97 16.33 -5.10
N ASN A 68 -16.57 15.68 -6.19
CA ASN A 68 -17.37 15.60 -7.39
C ASN A 68 -17.63 14.14 -7.72
N PRO A 69 -18.89 13.69 -7.58
CA PRO A 69 -19.20 12.30 -7.94
C PRO A 69 -18.88 11.94 -9.39
N LYS A 70 -18.85 12.94 -10.26
CA LYS A 70 -18.54 12.76 -11.68
C LYS A 70 -17.04 12.92 -11.99
N ASP A 71 -16.23 13.28 -10.99
CA ASP A 71 -14.77 13.31 -11.15
C ASP A 71 -14.13 12.90 -9.83
N THR A 72 -13.97 11.58 -9.68
CA THR A 72 -13.44 11.00 -8.46
C THR A 72 -11.96 11.30 -8.24
N LYS A 73 -11.29 11.85 -9.26
CA LYS A 73 -9.86 12.14 -9.19
C LYS A 73 -9.50 13.61 -9.04
N TRP A 74 -10.48 14.48 -8.85
CA TRP A 74 -10.19 15.91 -8.63
C TRP A 74 -9.19 16.04 -7.50
N ILE A 75 -8.05 16.67 -7.77
CA ILE A 75 -6.92 16.54 -6.84
C ILE A 75 -7.11 17.32 -5.54
N ASN A 76 -7.98 18.32 -5.58
CA ASN A 76 -8.28 19.11 -4.38
C ASN A 76 -9.56 18.71 -3.66
N ARG A 77 -10.09 17.51 -3.97
CA ARG A 77 -11.20 16.98 -3.19
C ARG A 77 -10.82 16.72 -1.74
N ASP A 78 -11.77 16.87 -0.84
CA ASP A 78 -11.60 16.23 0.48
C ASP A 78 -11.64 14.72 0.28
N ARG A 79 -10.87 13.98 1.07
CA ARG A 79 -10.92 12.52 1.08
C ARG A 79 -11.65 12.00 2.29
N PHE A 80 -12.40 10.92 2.09
CA PHE A 80 -13.05 10.18 3.15
C PHE A 80 -12.50 8.75 3.15
N VAL A 81 -12.21 8.23 4.33
CA VAL A 81 -11.77 6.84 4.50
C VAL A 81 -12.61 6.16 5.59
N LEU A 82 -13.21 5.02 5.24
CA LEU A 82 -13.93 4.17 6.19
C LEU A 82 -12.96 3.11 6.73
N SER A 83 -12.31 3.41 7.84
CA SER A 83 -11.32 2.47 8.41
C SER A 83 -11.98 1.23 8.97
N ASN A 84 -13.19 1.40 9.51
CA ASN A 84 -14.02 0.29 9.96
C ASN A 84 -14.77 -0.23 8.73
N GLY A 85 -14.03 -0.89 7.83
CA GLY A 85 -14.52 -1.21 6.50
C GLY A 85 -15.72 -2.13 6.44
N HIS A 86 -15.90 -2.95 7.48
CA HIS A 86 -17.10 -3.79 7.58
C HIS A 86 -18.40 -2.98 7.53
N ALA A 87 -18.33 -1.70 7.89
CA ALA A 87 -19.47 -0.80 7.84
C ALA A 87 -19.74 -0.28 6.42
N CYS A 88 -19.19 -0.93 5.39
CA CYS A 88 -19.27 -0.41 4.03
C CYS A 88 -20.66 -0.21 3.43
N ALA A 89 -21.70 -0.89 3.95
CA ALA A 89 -23.06 -0.58 3.48
C ALA A 89 -23.36 0.91 3.70
N LEU A 90 -22.80 1.50 4.75
CA LEU A 90 -22.89 2.96 4.97
C LEU A 90 -22.22 3.75 3.86
N LEU A 91 -20.97 3.42 3.56
CA LEU A 91 -20.25 4.12 2.50
C LEU A 91 -20.98 4.00 1.17
N TYR A 92 -21.39 2.77 0.81
CA TYR A 92 -22.06 2.57 -0.46
C TYR A 92 -23.35 3.36 -0.54
N SER A 93 -24.09 3.45 0.56
CA SER A 93 -25.31 4.25 0.60
C SER A 93 -25.01 5.74 0.34
N MET A 94 -23.94 6.27 0.93
CA MET A 94 -23.58 7.66 0.68
C MET A 94 -23.25 7.88 -0.79
N LEU A 95 -22.45 6.98 -1.36
CA LEU A 95 -22.02 7.12 -2.75
C LEU A 95 -23.19 7.04 -3.71
N VAL A 96 -24.15 6.16 -3.43
CA VAL A 96 -25.36 6.05 -4.24
C VAL A 96 -26.18 7.31 -4.13
N LEU A 97 -26.40 7.78 -2.91
CA LEU A 97 -27.22 8.98 -2.72
C LEU A 97 -26.66 10.22 -3.38
N TYR A 98 -25.32 10.31 -3.43
CA TYR A 98 -24.65 11.45 -4.04
C TYR A 98 -24.42 11.31 -5.53
N GLY A 99 -24.82 10.18 -6.13
CA GLY A 99 -24.74 10.06 -7.60
C GLY A 99 -23.37 9.74 -8.14
N TYR A 100 -22.56 9.06 -7.33
CA TYR A 100 -21.37 8.40 -7.86
C TYR A 100 -21.83 7.32 -8.86
N ASP A 101 -20.87 6.68 -9.52
CA ASP A 101 -21.14 5.61 -10.49
C ASP A 101 -21.47 4.30 -9.76
N LEU A 102 -22.51 4.35 -8.96
CA LEU A 102 -22.93 3.28 -8.07
C LEU A 102 -24.41 3.56 -7.84
N THR A 103 -25.24 2.55 -8.05
CA THR A 103 -26.70 2.74 -8.04
C THR A 103 -27.40 1.90 -6.99
N VAL A 104 -28.69 2.17 -6.80
CA VAL A 104 -29.51 1.28 -5.98
C VAL A 104 -29.46 -0.17 -6.48
N GLU A 105 -29.44 -0.38 -7.80
CA GLU A 105 -29.29 -1.75 -8.32
C GLU A 105 -27.99 -2.41 -7.87
N ASP A 106 -26.91 -1.64 -7.78
CA ASP A 106 -25.66 -2.14 -7.20
C ASP A 106 -25.82 -2.47 -5.72
N LEU A 107 -26.52 -1.63 -4.95
CA LEU A 107 -26.78 -1.95 -3.55
C LEU A 107 -27.56 -3.25 -3.36
N LYS A 108 -28.49 -3.52 -4.28
CA LYS A 108 -29.26 -4.75 -4.24
C LYS A 108 -28.38 -5.99 -4.46
N LYS A 109 -27.19 -5.77 -5.05
CA LYS A 109 -26.20 -6.82 -5.27
C LYS A 109 -25.03 -6.78 -4.28
N PHE A 110 -25.27 -6.17 -3.12
CA PHE A 110 -24.29 -6.14 -2.02
C PHE A 110 -23.80 -7.56 -1.75
N ARG A 111 -22.48 -7.72 -1.66
CA ARG A 111 -21.85 -8.99 -1.31
C ARG A 111 -22.09 -10.13 -2.31
N GLN A 112 -22.52 -9.80 -3.53
CA GLN A 112 -22.76 -10.82 -4.56
C GLN A 112 -21.64 -10.85 -5.57
N LEU A 113 -21.35 -12.05 -6.07
CA LEU A 113 -20.20 -12.25 -6.93
C LEU A 113 -20.22 -11.30 -8.11
N GLY A 114 -19.12 -10.59 -8.32
CA GLY A 114 -18.95 -9.67 -9.43
C GLY A 114 -19.56 -8.29 -9.25
N SER A 115 -20.16 -8.01 -8.08
CA SER A 115 -20.82 -6.71 -7.92
C SER A 115 -19.82 -5.59 -7.63
N LYS A 116 -20.31 -4.36 -7.76
CA LYS A 116 -19.56 -3.15 -7.39
C LYS A 116 -19.72 -2.79 -5.91
N THR A 117 -20.33 -3.69 -5.13
CA THR A 117 -20.61 -3.49 -3.72
C THR A 117 -20.12 -4.70 -2.90
N PRO A 118 -18.80 -4.94 -2.94
CA PRO A 118 -18.23 -6.06 -2.18
C PRO A 118 -18.36 -5.91 -0.67
N GLY A 119 -18.22 -7.02 0.04
CA GLY A 119 -18.40 -7.03 1.49
C GLY A 119 -17.48 -6.14 2.32
N HIS A 120 -16.33 -5.77 1.73
CA HIS A 120 -15.47 -4.70 2.26
C HIS A 120 -15.06 -3.82 1.07
N PRO A 121 -14.83 -2.52 1.30
CA PRO A 121 -14.61 -1.65 0.14
C PRO A 121 -13.27 -1.86 -0.53
N GLU A 122 -13.27 -1.86 -1.85
CA GLU A 122 -12.07 -2.05 -2.66
C GLU A 122 -11.93 -0.86 -3.60
N ASN A 123 -10.81 -0.17 -3.53
CA ASN A 123 -10.58 0.97 -4.41
C ASN A 123 -10.58 0.60 -5.88
N THR A 124 -10.20 -0.63 -6.23
CA THR A 124 -10.18 -1.02 -7.65
C THR A 124 -11.59 -1.20 -8.24
N ASP A 125 -12.58 -1.45 -7.39
CA ASP A 125 -13.94 -1.89 -7.80
C ASP A 125 -15.03 -0.86 -7.50
N VAL A 126 -14.83 -0.02 -6.49
CA VAL A 126 -15.88 0.85 -5.95
C VAL A 126 -15.53 2.31 -6.25
N PRO A 127 -16.30 2.97 -7.13
CA PRO A 127 -16.07 4.39 -7.36
C PRO A 127 -16.29 5.19 -6.08
N GLY A 128 -15.31 6.01 -5.70
CA GLY A 128 -15.37 6.79 -4.46
C GLY A 128 -14.77 6.09 -3.24
N ALA A 129 -14.26 4.88 -3.40
CA ALA A 129 -13.46 4.22 -2.35
C ALA A 129 -12.01 4.57 -2.57
N GLU A 130 -11.44 5.39 -1.69
CA GLU A 130 -10.07 5.89 -1.89
C GLU A 130 -9.01 4.81 -1.70
N VAL A 131 -9.32 3.86 -0.81
CA VAL A 131 -8.41 2.82 -0.39
C VAL A 131 -9.25 1.56 -0.14
N THR A 132 -8.57 0.45 0.09
CA THR A 132 -9.20 -0.82 0.40
C THR A 132 -9.11 -1.05 1.90
N THR A 133 -10.26 -1.17 2.57
CA THR A 133 -10.28 -1.40 3.99
C THR A 133 -11.07 -2.70 4.30
N GLY A 134 -11.20 -3.03 5.58
CA GLY A 134 -11.69 -4.34 6.02
C GLY A 134 -10.74 -4.99 7.03
N PRO A 135 -9.44 -5.01 6.70
CA PRO A 135 -8.44 -5.35 7.70
C PRO A 135 -8.29 -4.16 8.65
N LEU A 136 -8.67 -4.36 9.90
CA LEU A 136 -8.79 -3.26 10.85
C LEU A 136 -7.46 -2.55 11.08
N GLY A 137 -7.57 -1.25 11.31
CA GLY A 137 -6.42 -0.42 11.59
C GLY A 137 -5.82 0.24 10.36
N GLN A 138 -6.04 -0.34 9.16
CA GLN A 138 -5.37 0.16 7.95
C GLN A 138 -5.86 1.52 7.52
N GLY A 139 -7.18 1.72 7.52
CA GLY A 139 -7.75 2.93 6.96
C GLY A 139 -7.28 4.20 7.63
N ILE A 140 -7.23 4.21 8.97
CA ILE A 140 -6.75 5.39 9.66
C ILE A 140 -5.31 5.71 9.26
N CYS A 141 -4.48 4.68 9.12
CA CYS A 141 -3.10 4.88 8.66
C CYS A 141 -3.04 5.38 7.22
N ASN A 142 -3.90 4.84 6.36
CA ASN A 142 -4.02 5.37 4.99
C ASN A 142 -4.40 6.85 5.02
N GLY A 143 -5.31 7.22 5.93
CA GLY A 143 -5.68 8.63 6.10
C GLY A 143 -4.52 9.51 6.51
N VAL A 144 -3.68 9.00 7.41
CA VAL A 144 -2.45 9.71 7.76
C VAL A 144 -1.60 9.94 6.49
N GLY A 145 -1.48 8.92 5.64
CA GLY A 145 -0.74 9.06 4.40
C GLY A 145 -1.33 10.03 3.40
N ILE A 146 -2.66 9.99 3.26
CA ILE A 146 -3.32 10.96 2.38
C ILE A 146 -3.04 12.39 2.89
N ALA A 147 -3.16 12.59 4.20
CA ALA A 147 -2.90 13.90 4.79
C ALA A 147 -1.44 14.32 4.69
N LEU A 148 -0.53 13.37 4.85
CA LEU A 148 0.90 13.64 4.70
C LEU A 148 1.17 14.11 3.25
N ALA A 149 0.66 13.36 2.28
CA ALA A 149 0.79 13.74 0.87
C ALA A 149 0.17 15.11 0.59
N GLN A 150 -1.03 15.37 1.11
CA GLN A 150 -1.66 16.68 0.89
C GLN A 150 -0.77 17.80 1.43
N ALA A 151 -0.19 17.62 2.61
CA ALA A 151 0.66 18.65 3.19
C ALA A 151 1.92 18.89 2.34
N GLN A 152 2.51 17.80 1.85
CA GLN A 152 3.72 17.87 1.02
C GLN A 152 3.41 18.53 -0.32
N PHE A 153 2.28 18.14 -0.90
CA PHE A 153 1.79 18.66 -2.18
C PHE A 153 1.51 20.15 -2.09
N ALA A 154 0.75 20.54 -1.07
CA ALA A 154 0.45 21.97 -0.85
C ALA A 154 1.72 22.79 -0.63
N ALA A 155 2.65 22.26 0.15
CA ALA A 155 3.91 22.99 0.41
C ALA A 155 4.73 23.16 -0.87
N THR A 156 4.65 22.18 -1.76
CA THR A 156 5.38 22.19 -3.03
C THR A 156 4.77 23.18 -4.03
N TYR A 157 3.44 23.22 -4.14
CA TYR A 157 2.77 23.96 -5.23
C TYR A 157 2.06 25.24 -4.84
N ASN A 158 1.56 25.37 -3.61
CA ASN A 158 0.74 26.54 -3.31
C ASN A 158 1.59 27.82 -3.34
N LYS A 159 0.96 28.90 -3.77
CA LYS A 159 1.60 30.21 -3.87
C LYS A 159 0.62 31.25 -3.35
N PRO A 160 1.10 32.48 -3.08
CA PRO A 160 0.15 33.52 -2.69
C PRO A 160 -0.97 33.67 -3.73
N ASP A 161 -2.21 33.69 -3.27
CA ASP A 161 -3.42 33.74 -4.11
C ASP A 161 -3.68 32.47 -4.92
N PHE A 162 -2.88 31.41 -4.70
CA PHE A 162 -3.04 30.14 -5.43
C PHE A 162 -3.05 28.96 -4.47
N PRO A 163 -4.20 28.76 -3.77
CA PRO A 163 -4.36 27.60 -2.91
C PRO A 163 -4.70 26.38 -3.76
N ILE A 164 -3.69 25.87 -4.44
CA ILE A 164 -3.85 24.72 -5.32
C ILE A 164 -4.34 23.50 -4.54
N SER A 165 -3.82 23.32 -3.32
CA SER A 165 -4.20 22.22 -2.47
C SER A 165 -4.50 22.72 -1.06
N ASP A 166 -5.73 22.47 -0.60
CA ASP A 166 -6.17 22.89 0.73
C ASP A 166 -7.22 21.94 1.32
N SER A 167 -7.18 20.70 0.89
CA SER A 167 -8.19 19.71 1.19
C SER A 167 -7.93 19.02 2.53
N TYR A 168 -8.99 18.42 3.05
CA TYR A 168 -9.00 17.70 4.32
C TYR A 168 -9.09 16.21 4.09
N THR A 169 -8.76 15.47 5.15
CA THR A 169 -8.81 14.01 5.16
C THR A 169 -9.68 13.62 6.36
N TYR A 170 -10.82 13.01 6.06
CA TYR A 170 -11.82 12.62 7.06
C TYR A 170 -11.78 11.11 7.19
N VAL A 171 -11.65 10.60 8.40
CA VAL A 171 -11.57 9.15 8.62
C VAL A 171 -12.58 8.71 9.68
N PHE A 172 -13.35 7.67 9.39
CA PHE A 172 -14.15 6.98 10.41
C PHE A 172 -13.38 5.75 10.86
N LEU A 173 -13.36 5.51 12.16
CA LEU A 173 -12.73 4.31 12.73
C LEU A 173 -13.48 3.89 13.98
N GLY A 174 -13.37 2.61 14.31
CA GLY A 174 -14.01 2.05 15.49
C GLY A 174 -13.02 1.52 16.51
N ASP A 175 -13.58 0.84 17.50
CA ASP A 175 -12.77 0.29 18.59
C ASP A 175 -11.73 -0.70 18.08
N GLY A 176 -12.09 -1.48 17.08
CA GLY A 176 -11.16 -2.45 16.50
C GLY A 176 -9.93 -1.80 15.91
N CYS A 177 -10.13 -0.72 15.16
CA CYS A 177 -8.99 0.01 14.61
C CYS A 177 -8.10 0.57 15.73
N LEU A 178 -8.73 1.05 16.80
CA LEU A 178 -8.00 1.60 17.95
C LEU A 178 -7.23 0.58 18.77
N MET A 179 -7.63 -0.69 18.69
CA MET A 179 -6.89 -1.79 19.34
C MET A 179 -5.70 -2.26 18.53
N GLU A 180 -5.78 -2.16 17.21
CA GLU A 180 -4.71 -2.63 16.33
C GLU A 180 -3.49 -1.73 16.47
N GLY A 181 -2.32 -2.33 16.73
CA GLY A 181 -1.12 -1.56 16.96
C GLY A 181 -0.72 -0.63 15.82
N VAL A 182 -1.05 -1.01 14.58
CA VAL A 182 -0.70 -0.18 13.44
C VAL A 182 -1.29 1.24 13.59
N SER A 183 -2.50 1.36 14.14
CA SER A 183 -3.09 2.69 14.31
C SER A 183 -2.39 3.53 15.37
N SER A 184 -1.83 2.88 16.39
CA SER A 184 -1.04 3.59 17.40
C SER A 184 0.22 4.17 16.77
N GLU A 185 0.90 3.35 15.97
CA GLU A 185 2.09 3.81 15.25
C GLU A 185 1.76 5.06 14.42
N ALA A 186 0.72 4.97 13.60
CA ALA A 186 0.39 6.06 12.70
C ALA A 186 -0.13 7.29 13.43
N SER A 187 -0.81 7.07 14.56
CA SER A 187 -1.35 8.20 15.33
C SER A 187 -0.24 8.94 16.08
N SER A 188 0.72 8.19 16.63
CA SER A 188 1.89 8.80 17.21
C SER A 188 2.61 9.67 16.16
N LEU A 189 2.85 9.10 14.98
CA LEU A 189 3.56 9.81 13.94
C LEU A 189 2.76 11.02 13.42
N ALA A 190 1.46 10.86 13.25
CA ALA A 190 0.62 11.98 12.76
C ALA A 190 0.59 13.14 13.74
N GLY A 191 0.59 12.82 15.03
CA GLY A 191 0.67 13.85 16.05
C GLY A 191 2.00 14.58 16.00
N HIS A 192 3.08 13.81 15.91
CA HIS A 192 4.41 14.39 15.75
C HIS A 192 4.47 15.32 14.53
N LEU A 193 3.85 14.89 13.42
CA LEU A 193 3.88 15.65 12.18
C LEU A 193 2.88 16.80 12.10
N GLN A 194 2.10 17.01 13.16
CA GLN A 194 1.23 18.18 13.31
C GLN A 194 0.25 18.30 12.13
N LEU A 195 -0.32 17.17 11.70
CA LEU A 195 -1.14 17.11 10.50
C LEU A 195 -2.55 17.64 10.74
N GLY A 196 -2.66 18.96 10.66
CA GLY A 196 -3.89 19.65 10.98
C GLY A 196 -5.05 19.45 10.05
N ASN A 197 -4.81 18.92 8.86
CA ASN A 197 -5.93 18.67 7.94
C ASN A 197 -6.49 17.25 8.04
N LEU A 198 -6.01 16.49 9.02
CA LEU A 198 -6.55 15.17 9.33
C LEU A 198 -7.59 15.30 10.43
N ILE A 199 -8.81 14.81 10.15
CA ILE A 199 -9.91 14.83 11.11
C ILE A 199 -10.47 13.42 11.16
N ALA A 200 -10.26 12.73 12.29
CA ALA A 200 -10.71 11.35 12.46
C ALA A 200 -11.87 11.34 13.46
N PHE A 201 -12.76 10.36 13.27
CA PHE A 201 -13.97 10.23 14.08
C PHE A 201 -14.00 8.81 14.64
N TRP A 202 -13.96 8.72 15.96
CA TRP A 202 -14.04 7.45 16.66
C TRP A 202 -15.50 7.12 16.94
N ASP A 203 -15.95 5.98 16.43
CA ASP A 203 -17.27 5.47 16.75
C ASP A 203 -17.23 4.82 18.12
N ASP A 204 -17.51 5.63 19.14
CA ASP A 204 -17.41 5.20 20.53
C ASP A 204 -18.75 4.56 20.92
N ASN A 205 -18.91 3.29 20.55
CA ASN A 205 -20.13 2.54 20.83
C ASN A 205 -19.98 1.40 21.85
N LYS A 206 -18.77 1.24 22.37
CA LYS A 206 -18.48 0.31 23.48
C LYS A 206 -18.81 -1.16 23.18
N ILE A 207 -18.83 -1.52 21.89
CA ILE A 207 -19.19 -2.87 21.46
C ILE A 207 -18.23 -3.33 20.36
N SER A 208 -17.65 -4.51 20.55
CA SER A 208 -16.92 -5.19 19.49
C SER A 208 -17.47 -6.62 19.35
N ILE A 209 -16.83 -7.48 18.59
CA ILE A 209 -17.39 -8.82 18.36
C ILE A 209 -17.54 -9.64 19.64
N ASP A 210 -16.56 -9.56 20.53
CA ASP A 210 -16.60 -10.32 21.78
C ASP A 210 -17.50 -9.72 22.83
N GLY A 211 -18.18 -8.61 22.52
CA GLY A 211 -19.15 -8.01 23.43
C GLY A 211 -18.72 -6.64 23.86
N SER A 212 -19.01 -6.30 25.11
CA SER A 212 -18.63 -5.02 25.65
C SER A 212 -17.12 -4.81 25.52
N THR A 213 -16.73 -3.58 25.22
CA THR A 213 -15.31 -3.22 25.29
C THR A 213 -14.75 -3.34 26.72
N GLU A 214 -15.61 -3.40 27.72
CA GLU A 214 -15.15 -3.63 29.09
C GLU A 214 -14.35 -4.93 29.26
N VAL A 215 -14.55 -5.91 28.37
CA VAL A 215 -13.83 -7.19 28.52
C VAL A 215 -12.37 -7.13 28.06
N ALA A 216 -12.00 -6.15 27.24
CA ALA A 216 -10.65 -6.11 26.66
C ALA A 216 -10.07 -4.74 26.33
N PHE A 217 -10.85 -3.65 26.47
CA PHE A 217 -10.43 -2.35 25.92
C PHE A 217 -10.97 -1.25 26.82
N THR A 218 -10.28 -1.09 27.96
CA THR A 218 -10.69 -0.17 29.02
C THR A 218 -9.76 1.02 29.18
N GLU A 219 -8.80 1.15 28.28
CA GLU A 219 -7.88 2.29 28.27
C GLU A 219 -8.63 3.61 28.08
N ASP A 220 -8.00 4.70 28.51
CA ASP A 220 -8.52 6.05 28.27
C ASP A 220 -8.00 6.50 26.90
N VAL A 221 -8.79 6.18 25.88
CA VAL A 221 -8.46 6.51 24.49
C VAL A 221 -8.16 8.00 24.30
N ILE A 222 -9.00 8.83 24.89
CA ILE A 222 -8.85 10.28 24.75
C ILE A 222 -7.53 10.75 25.36
N ALA A 223 -7.21 10.25 26.56
CA ALA A 223 -5.95 10.61 27.18
C ALA A 223 -4.77 10.14 26.30
N ARG A 224 -4.89 8.96 25.70
CA ARG A 224 -3.82 8.48 24.81
C ARG A 224 -3.65 9.39 23.59
N TYR A 225 -4.76 9.77 22.97
CA TYR A 225 -4.66 10.67 21.82
C TYR A 225 -4.09 12.04 22.19
N LYS A 226 -4.43 12.56 23.38
CA LYS A 226 -3.79 13.79 23.84
C LYS A 226 -2.28 13.60 23.99
N SER A 227 -1.85 12.41 24.44
CA SER A 227 -0.42 12.15 24.61
C SER A 227 0.34 12.15 23.29
N TYR A 228 -0.35 11.84 22.19
CA TYR A 228 0.25 11.91 20.87
C TYR A 228 0.28 13.32 20.29
N GLY A 229 -0.35 14.28 20.96
CA GLY A 229 -0.46 15.64 20.42
C GLY A 229 -1.64 15.89 19.50
N TRP A 230 -2.69 15.08 19.61
CA TRP A 230 -3.94 15.34 18.88
C TRP A 230 -4.84 16.28 19.65
N HIS A 231 -5.63 17.04 18.90
CA HIS A 231 -6.76 17.79 19.45
C HIS A 231 -7.95 16.85 19.60
N ILE A 232 -8.79 17.10 20.59
CA ILE A 232 -9.97 16.27 20.84
C ILE A 232 -11.22 17.13 20.80
N VAL A 233 -12.28 16.60 20.19
CA VAL A 233 -13.63 17.14 20.36
C VAL A 233 -14.51 15.96 20.73
N GLU A 234 -15.34 16.12 21.75
CA GLU A 234 -16.28 15.06 22.15
C GLU A 234 -17.72 15.43 21.81
N VAL A 235 -18.41 14.51 21.16
CA VAL A 235 -19.83 14.65 20.87
C VAL A 235 -20.58 13.56 21.64
N SER A 236 -21.22 13.95 22.74
CA SER A 236 -21.80 12.97 23.65
C SER A 236 -23.08 12.33 23.14
N ASP A 237 -23.79 12.98 22.21
CA ASP A 237 -24.99 12.35 21.60
C ASP A 237 -24.90 12.37 20.09
N ALA A 238 -24.00 11.54 19.59
CA ALA A 238 -23.82 11.42 18.16
C ALA A 238 -24.88 10.57 17.46
N ASP A 239 -25.82 9.99 18.21
CA ASP A 239 -26.98 9.36 17.59
C ASP A 239 -27.93 10.36 16.94
N THR A 240 -27.93 11.60 17.44
CA THR A 240 -28.87 12.63 16.95
C THR A 240 -28.23 14.00 16.64
N ASP A 241 -27.13 14.35 17.32
CA ASP A 241 -26.69 15.75 17.36
C ASP A 241 -25.77 16.10 16.18
N ILE A 242 -26.37 16.19 14.98
CA ILE A 242 -25.59 16.54 13.79
C ILE A 242 -25.07 17.97 13.84
N THR A 243 -25.76 18.85 14.58
CA THR A 243 -25.26 20.22 14.77
C THR A 243 -23.90 20.18 15.48
N ALA A 244 -23.79 19.34 16.51
CA ALA A 244 -22.53 19.22 17.25
C ALA A 244 -21.44 18.54 16.40
N ILE A 245 -21.81 17.60 15.55
CA ILE A 245 -20.82 16.96 14.67
C ILE A 245 -20.27 17.98 13.67
N ALA A 246 -21.14 18.77 13.06
CA ALA A 246 -20.72 19.83 12.17
C ALA A 246 -19.83 20.85 12.89
N ALA A 247 -20.20 21.23 14.12
CA ALA A 247 -19.40 22.17 14.91
C ALA A 247 -18.03 21.59 15.24
N ALA A 248 -17.98 20.28 15.47
CA ALA A 248 -16.71 19.62 15.76
C ALA A 248 -15.76 19.71 14.56
N ILE A 249 -16.31 19.57 13.36
CA ILE A 249 -15.51 19.76 12.13
C ILE A 249 -14.98 21.19 12.03
N ASP A 250 -15.87 22.16 12.27
CA ASP A 250 -15.45 23.56 12.23
C ASP A 250 -14.33 23.83 13.25
N GLU A 251 -14.48 23.27 14.45
CA GLU A 251 -13.47 23.42 15.48
C GLU A 251 -12.15 22.81 15.04
N ALA A 252 -12.20 21.57 14.53
CA ALA A 252 -11.01 20.91 14.03
C ALA A 252 -10.27 21.72 12.97
N LYS A 253 -11.02 22.35 12.07
CA LYS A 253 -10.41 23.17 11.01
C LYS A 253 -9.67 24.40 11.56
N LYS A 254 -10.07 24.91 12.72
CA LYS A 254 -9.35 26.01 13.37
C LYS A 254 -8.01 25.59 14.01
N VAL A 255 -7.85 24.30 14.29
CA VAL A 255 -6.62 23.80 14.91
C VAL A 255 -5.71 23.30 13.81
N THR A 256 -4.85 24.18 13.30
CA THR A 256 -4.10 23.90 12.09
C THR A 256 -2.81 23.10 12.32
N ASN A 257 -2.42 22.92 13.58
CA ASN A 257 -1.15 22.24 13.89
C ASN A 257 -1.33 20.95 14.71
N LYS A 258 -2.54 20.39 14.71
CA LYS A 258 -2.78 19.09 15.33
C LYS A 258 -3.82 18.33 14.54
N PRO A 259 -3.63 17.02 14.34
CA PRO A 259 -4.74 16.20 13.88
C PRO A 259 -5.81 16.15 14.98
N THR A 260 -7.08 16.00 14.60
CA THR A 260 -8.18 15.98 15.55
C THR A 260 -8.86 14.62 15.58
N LEU A 261 -9.15 14.15 16.80
CA LEU A 261 -10.02 12.99 17.01
C LEU A 261 -11.33 13.49 17.57
N VAL A 262 -12.41 13.18 16.87
CA VAL A 262 -13.77 13.51 17.29
C VAL A 262 -14.36 12.24 17.88
N ARG A 263 -14.66 12.26 19.18
CA ARG A 263 -15.29 11.14 19.85
C ARG A 263 -16.79 11.19 19.60
N LEU A 264 -17.30 10.22 18.83
CA LEU A 264 -18.73 10.14 18.53
C LEU A 264 -19.34 9.07 19.44
N THR A 265 -20.03 9.48 20.51
CA THR A 265 -20.66 8.51 21.36
C THR A 265 -21.97 8.09 20.68
N THR A 266 -22.02 6.85 20.21
CA THR A 266 -23.16 6.33 19.48
C THR A 266 -23.67 5.03 20.11
N THR A 267 -24.85 4.63 19.68
CA THR A 267 -25.41 3.34 20.00
C THR A 267 -25.24 2.46 18.76
N ILE A 268 -24.50 1.36 18.89
CA ILE A 268 -24.36 0.46 17.74
C ILE A 268 -25.77 -0.05 17.36
N GLY A 269 -26.07 -0.05 16.07
CA GLY A 269 -27.38 -0.50 15.63
C GLY A 269 -28.53 0.41 16.03
N PHE A 270 -28.25 1.68 16.28
CA PHE A 270 -29.25 2.65 16.73
C PHE A 270 -30.57 2.47 16.00
N GLY A 271 -31.64 2.29 16.78
CA GLY A 271 -32.99 2.11 16.25
C GLY A 271 -33.47 0.66 16.24
N SER A 272 -32.53 -0.27 16.04
CA SER A 272 -32.84 -1.70 16.07
C SER A 272 -33.34 -2.12 17.45
N LEU A 273 -34.20 -3.14 17.44
CA LEU A 273 -34.58 -3.81 18.68
C LEU A 273 -33.35 -4.33 19.43
N ALA A 274 -32.31 -4.69 18.67
CA ALA A 274 -31.07 -5.22 19.19
C ALA A 274 -29.96 -4.17 19.28
N GLN A 275 -30.32 -2.88 19.27
CA GLN A 275 -29.30 -1.84 19.40
C GLN A 275 -28.48 -2.03 20.69
N GLY A 276 -27.22 -1.62 20.64
CA GLY A 276 -26.35 -1.68 21.81
C GLY A 276 -25.92 -3.08 22.21
N THR A 277 -25.94 -4.01 21.27
CA THR A 277 -25.54 -5.40 21.52
C THR A 277 -24.54 -5.86 20.46
N HIS A 278 -23.71 -6.84 20.79
CA HIS A 278 -22.79 -7.40 19.79
C HIS A 278 -23.50 -8.11 18.65
N GLY A 279 -24.72 -8.60 18.88
CA GLY A 279 -25.48 -9.29 17.86
C GLY A 279 -25.81 -8.46 16.63
N VAL A 280 -25.87 -7.14 16.81
CA VAL A 280 -26.18 -6.22 15.70
C VAL A 280 -24.92 -5.82 14.92
N HIS A 281 -23.72 -6.21 15.40
CA HIS A 281 -22.47 -5.85 14.72
C HIS A 281 -22.40 -6.44 13.31
N GLY A 282 -22.70 -7.73 13.19
CA GLY A 282 -22.24 -8.48 12.03
C GLY A 282 -23.14 -9.52 11.46
N ALA A 283 -24.45 -9.40 11.70
CA ALA A 283 -25.41 -10.29 11.08
C ALA A 283 -26.62 -9.51 10.66
N PRO A 284 -27.33 -9.99 9.64
CA PRO A 284 -28.56 -9.31 9.24
C PRO A 284 -29.58 -9.17 10.37
N LEU A 285 -30.31 -8.06 10.35
CA LEU A 285 -31.42 -7.87 11.28
C LEU A 285 -32.57 -8.82 10.97
N LYS A 286 -33.39 -9.09 11.99
CA LYS A 286 -34.60 -9.86 11.78
C LYS A 286 -35.60 -9.03 10.94
N ALA A 287 -36.42 -9.71 10.14
CA ALA A 287 -37.37 -9.00 9.27
C ALA A 287 -38.31 -8.06 10.07
N ASP A 288 -38.77 -8.52 11.23
CA ASP A 288 -39.69 -7.70 12.05
C ASP A 288 -38.98 -6.48 12.63
N ASP A 289 -37.68 -6.61 12.90
CA ASP A 289 -36.87 -5.48 13.34
C ASP A 289 -36.81 -4.42 12.25
N ILE A 290 -36.57 -4.85 11.01
CA ILE A 290 -36.52 -3.91 9.88
C ILE A 290 -37.88 -3.20 9.72
N LYS A 291 -38.98 -3.93 9.89
CA LYS A 291 -40.28 -3.32 9.78
C LYS A 291 -40.48 -2.21 10.80
N GLN A 292 -40.12 -2.45 12.06
CA GLN A 292 -40.31 -1.41 13.09
C GLN A 292 -39.36 -0.21 12.90
N LEU A 293 -38.16 -0.46 12.37
CA LEU A 293 -37.26 0.64 11.97
C LEU A 293 -37.95 1.56 10.99
N LYS A 294 -38.53 0.96 9.97
CA LYS A 294 -39.18 1.75 8.91
C LYS A 294 -40.34 2.52 9.47
N THR A 295 -41.21 1.87 10.25
CA THR A 295 -42.39 2.60 10.71
C THR A 295 -42.04 3.72 11.70
N LYS A 296 -41.06 3.52 12.58
CA LYS A 296 -40.67 4.55 13.56
C LYS A 296 -40.10 5.81 12.86
N TRP A 297 -39.49 5.61 11.70
CA TRP A 297 -38.90 6.71 10.94
C TRP A 297 -39.74 7.22 9.76
N GLY A 298 -40.98 6.74 9.66
CA GLY A 298 -41.92 7.25 8.67
C GLY A 298 -41.81 6.64 7.29
N PHE A 299 -41.10 5.52 7.18
CA PHE A 299 -40.94 4.80 5.92
C PHE A 299 -41.96 3.66 5.84
N ASN A 300 -42.13 3.12 4.63
CA ASN A 300 -43.08 2.04 4.39
C ASN A 300 -42.41 0.70 4.73
N PRO A 301 -42.91 -0.02 5.76
CA PRO A 301 -42.26 -1.31 6.09
C PRO A 301 -42.36 -2.38 5.02
N GLU A 302 -43.22 -2.18 4.02
CA GLU A 302 -43.32 -3.07 2.87
C GLU A 302 -42.33 -2.76 1.75
N GLU A 303 -41.60 -1.65 1.87
CA GLU A 303 -40.72 -1.19 0.81
C GLU A 303 -39.27 -1.34 1.21
N SER A 304 -38.45 -1.76 0.25
CA SER A 304 -37.00 -1.78 0.44
CA SER A 304 -36.99 -1.81 0.41
C SER A 304 -36.31 -0.86 -0.55
N PHE A 305 -35.12 -0.39 -0.17
CA PHE A 305 -34.30 0.49 -1.00
C PHE A 305 -34.99 1.81 -1.38
N ALA A 306 -35.77 2.36 -0.44
CA ALA A 306 -36.46 3.64 -0.66
C ALA A 306 -35.45 4.76 -0.74
N VAL A 307 -35.62 5.64 -1.72
CA VAL A 307 -34.83 6.86 -1.82
C VAL A 307 -35.78 8.06 -2.01
N PRO A 308 -36.17 8.72 -0.91
CA PRO A 308 -37.05 9.88 -1.02
C PRO A 308 -36.42 10.95 -1.92
N ALA A 309 -37.19 11.49 -2.84
CA ALA A 309 -36.67 12.48 -3.78
C ALA A 309 -36.18 13.76 -3.09
N GLU A 310 -36.74 14.08 -1.92
CA GLU A 310 -36.25 15.22 -1.13
C GLU A 310 -34.77 15.05 -0.77
N VAL A 311 -34.40 13.81 -0.47
CA VAL A 311 -33.02 13.53 -0.06
C VAL A 311 -32.09 13.68 -1.27
N THR A 312 -32.45 13.06 -2.38
CA THR A 312 -31.73 13.23 -3.64
C THR A 312 -31.56 14.70 -3.99
N ALA A 313 -32.64 15.46 -3.86
CA ALA A 313 -32.55 16.87 -4.22
C ALA A 313 -31.56 17.60 -3.33
N SER A 314 -31.67 17.41 -2.03
CA SER A 314 -30.76 18.05 -1.04
C SER A 314 -29.31 17.70 -1.34
N TYR A 315 -29.07 16.42 -1.59
CA TYR A 315 -27.72 15.96 -1.88
C TYR A 315 -27.21 16.53 -3.22
N ASN A 316 -28.09 16.60 -4.22
CA ASN A 316 -27.74 17.19 -5.51
C ASN A 316 -27.37 18.66 -5.39
N GLU A 317 -28.02 19.38 -4.46
CA GLU A 317 -27.66 20.79 -4.24
C GLU A 317 -26.20 20.89 -3.82
N HIS A 318 -25.81 20.03 -2.89
CA HIS A 318 -24.44 20.03 -2.38
C HIS A 318 -23.46 19.61 -3.50
N VAL A 319 -23.83 18.62 -4.32
CA VAL A 319 -23.00 18.23 -5.47
C VAL A 319 -22.81 19.40 -6.43
N ALA A 320 -23.90 20.11 -6.74
CA ALA A 320 -23.83 21.25 -7.67
C ALA A 320 -22.89 22.33 -7.13
N GLU A 321 -22.99 22.62 -5.82
CA GLU A 321 -22.08 23.57 -5.20
C GLU A 321 -20.63 23.11 -5.31
N ASN A 322 -20.39 21.84 -5.02
CA ASN A 322 -19.06 21.27 -5.12
C ASN A 322 -18.51 21.32 -6.53
N GLN A 323 -19.36 21.07 -7.52
CA GLN A 323 -18.94 21.13 -8.92
C GLN A 323 -18.55 22.55 -9.32
N LYS A 324 -19.27 23.54 -8.80
CA LYS A 324 -18.88 24.94 -9.02
C LYS A 324 -17.54 25.26 -8.36
N ILE A 325 -17.28 24.70 -7.18
CA ILE A 325 -15.97 24.84 -6.53
C ILE A 325 -14.88 24.22 -7.41
N GLN A 326 -15.11 23.01 -7.93
CA GLN A 326 -14.12 22.42 -8.83
C GLN A 326 -13.92 23.24 -10.12
N GLN A 327 -15.02 23.75 -10.69
CA GLN A 327 -14.95 24.62 -11.86
C GLN A 327 -14.03 25.82 -11.58
N GLN A 328 -14.19 26.44 -10.42
CA GLN A 328 -13.34 27.56 -10.03
C GLN A 328 -11.91 27.13 -9.79
N TRP A 329 -11.72 25.95 -9.20
CA TRP A 329 -10.37 25.39 -9.04
C TRP A 329 -9.69 25.20 -10.40
N ASN A 330 -10.42 24.72 -11.39
CA ASN A 330 -9.85 24.55 -12.73
C ASN A 330 -9.37 25.88 -13.30
N GLU A 331 -10.13 26.95 -13.08
CA GLU A 331 -9.69 28.28 -13.51
C GLU A 331 -8.50 28.78 -12.70
N LEU A 332 -8.50 28.50 -11.40
CA LEU A 332 -7.32 28.79 -10.57
C LEU A 332 -6.06 28.12 -11.13
N PHE A 333 -6.20 26.85 -11.51
CA PHE A 333 -5.10 26.07 -12.05
C PHE A 333 -4.62 26.67 -13.37
N ALA A 334 -5.55 27.08 -14.24
CA ALA A 334 -5.16 27.74 -15.48
C ALA A 334 -4.39 29.04 -15.21
N ALA A 335 -4.86 29.84 -14.26
CA ALA A 335 -4.18 31.08 -13.87
C ALA A 335 -2.80 30.81 -13.25
N TYR A 336 -2.70 29.73 -12.49
CA TYR A 336 -1.44 29.29 -11.90
C TYR A 336 -0.41 28.98 -12.98
N LYS A 337 -0.82 28.26 -14.02
CA LYS A 337 0.08 27.94 -15.12
C LYS A 337 0.57 29.17 -15.85
N GLN A 338 -0.26 30.22 -15.91
CA GLN A 338 0.18 31.49 -16.50
C GLN A 338 1.22 32.18 -15.64
N LYS A 339 0.97 32.24 -14.33
CA LYS A 339 1.85 32.98 -13.42
C LYS A 339 3.12 32.21 -13.07
N TYR A 340 3.01 30.89 -12.96
CA TYR A 340 4.11 30.01 -12.55
C TYR A 340 4.26 28.93 -13.62
N PRO A 341 4.83 29.29 -14.78
CA PRO A 341 4.82 28.34 -15.91
C PRO A 341 5.55 27.02 -15.64
N GLU A 342 6.68 27.08 -14.93
CA GLU A 342 7.50 25.89 -14.65
C GLU A 342 6.76 24.93 -13.71
N LEU A 343 6.33 25.45 -12.56
CA LEU A 343 5.58 24.65 -11.61
C LEU A 343 4.25 24.20 -12.20
N GLY A 344 3.58 25.05 -12.95
CA GLY A 344 2.33 24.68 -13.59
C GLY A 344 2.46 23.51 -14.55
N ALA A 345 3.52 23.50 -15.36
CA ALA A 345 3.76 22.40 -16.28
C ALA A 345 4.07 21.10 -15.53
N GLU A 346 4.82 21.22 -14.44
CA GLU A 346 5.16 20.07 -13.61
C GLU A 346 3.89 19.46 -13.00
N LEU A 347 3.03 20.33 -12.48
CA LEU A 347 1.78 19.89 -11.90
C LEU A 347 0.87 19.23 -12.95
N GLN A 348 0.76 19.85 -14.13
CA GLN A 348 -0.03 19.26 -15.20
C GLN A 348 0.45 17.85 -15.55
N ARG A 349 1.76 17.71 -15.73
CA ARG A 349 2.38 16.42 -16.05
C ARG A 349 1.99 15.35 -15.01
N ARG A 350 2.12 15.72 -13.74
CA ARG A 350 1.81 14.81 -12.65
C ARG A 350 0.35 14.42 -12.63
N LEU A 351 -0.55 15.40 -12.85
CA LEU A 351 -1.98 15.09 -12.86
C LEU A 351 -2.38 14.25 -14.08
N ASP A 352 -1.58 14.31 -15.14
CA ASP A 352 -1.75 13.44 -16.31
C ASP A 352 -1.14 12.05 -16.12
N GLY A 353 -0.45 11.82 -15.00
CA GLY A 353 0.07 10.50 -14.67
C GLY A 353 1.36 10.15 -15.40
N LYS A 354 2.10 11.16 -15.84
CA LYS A 354 3.29 10.99 -16.66
C LYS A 354 4.52 11.40 -15.88
N LEU A 355 5.56 10.56 -15.93
CA LEU A 355 6.85 10.91 -15.40
C LEU A 355 7.54 11.93 -16.32
N PRO A 356 8.58 12.63 -15.81
CA PRO A 356 9.32 13.55 -16.67
C PRO A 356 9.89 12.83 -17.88
N GLU A 357 9.89 13.51 -19.02
CA GLU A 357 10.40 12.92 -20.24
C GLU A 357 11.86 12.54 -20.04
N ASN A 358 12.19 11.29 -20.38
CA ASN A 358 13.56 10.78 -20.27
C ASN A 358 14.18 10.86 -18.88
N TRP A 359 13.35 10.81 -17.83
CA TRP A 359 13.84 10.81 -16.45
C TRP A 359 14.86 9.69 -16.24
N ASP A 360 14.65 8.56 -16.93
CA ASP A 360 15.48 7.36 -16.74
C ASP A 360 16.91 7.51 -17.23
N LYS A 361 17.18 8.57 -18.00
CA LYS A 361 18.57 8.91 -18.34
C LYS A 361 19.42 9.23 -17.10
N ALA A 362 18.77 9.55 -15.97
CA ALA A 362 19.48 9.74 -14.72
C ALA A 362 19.90 8.44 -14.02
N LEU A 363 19.36 7.30 -14.44
CA LEU A 363 19.73 6.03 -13.78
C LEU A 363 21.20 5.73 -13.97
N PRO A 364 21.92 5.41 -12.88
CA PRO A 364 23.32 5.02 -13.01
C PRO A 364 23.53 3.75 -13.82
N VAL A 365 24.60 3.71 -14.58
CA VAL A 365 24.98 2.56 -15.39
C VAL A 365 26.42 2.20 -15.03
N TYR A 366 26.70 0.90 -14.99
CA TYR A 366 27.96 0.32 -14.56
C TYR A 366 28.52 -0.60 -15.62
N THR A 367 29.81 -0.84 -15.55
CA THR A 367 30.49 -1.81 -16.40
C THR A 367 31.17 -2.85 -15.52
N PRO A 368 31.62 -3.96 -16.12
CA PRO A 368 32.33 -4.96 -15.33
C PRO A 368 33.69 -4.49 -14.76
N ALA A 369 34.22 -3.38 -15.27
CA ALA A 369 35.44 -2.78 -14.74
C ALA A 369 35.24 -1.97 -13.46
N ASP A 370 33.98 -1.67 -13.13
CA ASP A 370 33.69 -0.90 -11.92
C ASP A 370 33.81 -1.77 -10.66
N ALA A 371 34.05 -1.10 -9.54
CA ALA A 371 34.24 -1.77 -8.24
C ALA A 371 32.98 -2.49 -7.76
N ALA A 372 33.20 -3.48 -6.90
CA ALA A 372 32.10 -4.14 -6.20
C ALA A 372 31.45 -3.14 -5.25
N VAL A 373 30.12 -3.24 -5.14
CA VAL A 373 29.30 -2.33 -4.34
C VAL A 373 28.13 -3.14 -3.78
N ALA A 374 27.74 -2.90 -2.53
CA ALA A 374 26.53 -3.52 -1.98
C ALA A 374 25.31 -2.95 -2.67
N THR A 375 24.27 -3.77 -2.87
CA THR A 375 23.09 -3.21 -3.53
C THR A 375 22.35 -2.18 -2.67
N ARG A 376 22.53 -2.18 -1.34
CA ARG A 376 22.00 -1.06 -0.55
C ARG A 376 22.65 0.27 -0.94
N LYS A 377 23.96 0.24 -1.22
CA LYS A 377 24.70 1.44 -1.58
C LYS A 377 24.37 1.84 -3.02
N LEU A 378 24.22 0.86 -3.91
CA LEU A 378 23.77 1.16 -5.26
C LEU A 378 22.40 1.84 -5.25
N SER A 379 21.52 1.36 -4.36
CA SER A 379 20.21 1.96 -4.17
C SER A 379 20.32 3.43 -3.74
N GLU A 380 21.19 3.71 -2.75
CA GLU A 380 21.44 5.11 -2.35
C GLU A 380 21.84 5.97 -3.54
N ILE A 381 22.73 5.43 -4.37
CA ILE A 381 23.23 6.17 -5.52
C ILE A 381 22.10 6.42 -6.52
N VAL A 382 21.27 5.41 -6.79
CA VAL A 382 20.11 5.62 -7.66
C VAL A 382 19.22 6.74 -7.13
N LEU A 383 18.85 6.65 -5.86
CA LEU A 383 17.99 7.66 -5.25
C LEU A 383 18.62 9.04 -5.36
N SER A 384 19.92 9.14 -5.15
CA SER A 384 20.61 10.42 -5.26
C SER A 384 20.52 11.04 -6.65
N LYS A 385 20.49 10.21 -7.68
CA LYS A 385 20.37 10.69 -9.07
C LYS A 385 18.93 10.97 -9.49
N ILE A 386 17.97 10.17 -9.02
CA ILE A 386 16.61 10.29 -9.52
C ILE A 386 15.71 11.23 -8.72
N ILE A 387 15.96 11.38 -7.43
CA ILE A 387 15.18 12.30 -6.62
C ILE A 387 15.21 13.74 -7.17
N PRO A 388 16.40 14.25 -7.56
CA PRO A 388 16.40 15.61 -8.15
C PRO A 388 15.67 15.72 -9.49
N GLU A 389 15.54 14.60 -10.20
CA GLU A 389 14.91 14.57 -11.52
C GLU A 389 13.41 14.33 -11.50
N VAL A 390 12.89 13.77 -10.40
CA VAL A 390 11.50 13.32 -10.35
C VAL A 390 10.89 13.83 -9.04
N PRO A 391 10.22 15.00 -9.09
CA PRO A 391 9.78 15.63 -7.83
C PRO A 391 8.72 14.82 -7.08
N GLU A 392 7.98 13.97 -7.80
CA GLU A 392 6.94 13.14 -7.19
C GLU A 392 7.48 11.94 -6.40
N ILE A 393 8.81 11.75 -6.39
CA ILE A 393 9.42 10.78 -5.48
C ILE A 393 9.60 11.38 -4.08
N ILE A 394 8.96 10.77 -3.08
CA ILE A 394 9.26 11.02 -1.65
C ILE A 394 9.37 9.66 -0.98
N GLY A 395 10.00 9.63 0.17
CA GLY A 395 10.08 8.35 0.88
C GLY A 395 10.77 8.50 2.22
N GLY A 396 11.03 7.39 2.87
CA GLY A 396 11.62 7.43 4.20
C GLY A 396 12.14 6.09 4.64
N SER A 397 12.44 5.99 5.92
CA SER A 397 12.88 4.75 6.54
C SER A 397 12.28 4.65 7.93
N ALA A 398 12.10 3.40 8.35
CA ALA A 398 11.62 3.09 9.68
C ALA A 398 12.81 3.02 10.66
N ASP A 399 13.39 4.19 10.95
CA ASP A 399 14.55 4.32 11.85
C ASP A 399 15.77 3.52 11.39
N LEU A 400 15.96 3.38 10.06
CA LEU A 400 17.14 2.70 9.54
C LEU A 400 17.81 3.50 8.43
N THR A 401 17.69 4.82 8.48
CA THR A 401 18.27 5.65 7.44
C THR A 401 19.77 5.41 7.14
N PRO A 402 20.62 5.34 8.18
CA PRO A 402 22.05 5.11 7.91
C PRO A 402 22.42 3.65 7.58
N SER A 403 21.46 2.74 7.71
CA SER A 403 21.67 1.31 7.35
C SER A 403 21.02 0.95 6.02
N ASN A 404 19.81 1.45 5.77
CA ASN A 404 19.17 1.26 4.47
C ASN A 404 19.75 2.14 3.36
N LEU A 405 20.29 3.29 3.76
CA LEU A 405 20.88 4.29 2.85
C LEU A 405 19.84 4.91 1.91
N THR A 406 18.73 5.34 2.52
CA THR A 406 17.53 5.77 1.80
C THR A 406 17.37 7.28 1.60
N LYS A 407 18.24 8.09 2.20
CA LYS A 407 18.15 9.55 2.07
C LYS A 407 19.21 10.07 1.11
N ALA A 408 18.76 10.87 0.14
CA ALA A 408 19.70 11.55 -0.74
C ALA A 408 20.30 12.75 -0.01
N LYS A 409 21.63 12.85 -0.02
CA LYS A 409 22.34 13.97 0.61
C LYS A 409 21.79 15.28 0.06
N GLY A 410 21.57 16.25 0.93
CA GLY A 410 21.09 17.55 0.51
C GLY A 410 19.59 17.75 0.56
N THR A 411 18.82 16.68 0.71
CA THR A 411 17.37 16.81 0.80
C THR A 411 16.99 17.17 2.23
N VAL A 412 15.80 17.74 2.41
CA VAL A 412 15.33 18.03 3.75
C VAL A 412 14.18 17.12 4.13
N ASP A 413 14.05 16.91 5.42
CA ASP A 413 13.04 16.01 5.93
C ASP A 413 11.68 16.65 5.91
N PHE A 414 10.67 15.81 5.69
CA PHE A 414 9.29 16.18 5.88
C PHE A 414 9.00 16.30 7.38
N GLN A 415 8.87 17.53 7.85
CA GLN A 415 8.52 17.82 9.24
C GLN A 415 7.72 19.12 9.23
N PRO A 416 6.88 19.37 10.25
CA PRO A 416 6.31 20.72 10.37
C PRO A 416 7.43 21.72 10.63
N ALA A 417 7.43 22.83 9.89
CA ALA A 417 8.47 23.86 10.07
C ALA A 417 8.60 24.32 11.52
N ALA A 418 7.51 24.31 12.28
CA ALA A 418 7.55 24.72 13.68
C ALA A 418 8.58 23.96 14.53
N THR A 419 8.91 22.74 14.12
CA THR A 419 9.89 21.96 14.85
C THR A 419 11.34 22.38 14.59
N GLY A 420 11.57 23.09 13.49
CA GLY A 420 12.92 23.40 13.04
C GLY A 420 13.70 22.24 12.43
N LEU A 421 13.04 21.09 12.26
CA LEU A 421 13.72 19.85 11.85
C LEU A 421 13.51 19.48 10.39
N GLY A 422 12.71 20.28 9.69
CA GLY A 422 12.35 20.00 8.32
C GLY A 422 11.28 20.97 7.90
N ASP A 423 10.55 20.63 6.85
CA ASP A 423 9.45 21.44 6.40
C ASP A 423 8.48 20.46 5.64
N TYR A 424 7.23 20.87 5.50
CA TYR A 424 6.30 20.08 4.71
C TYR A 424 6.68 19.96 3.24
N SER A 425 7.52 20.86 2.70
CA SER A 425 8.05 20.67 1.34
C SER A 425 9.15 19.62 1.28
N GLY A 426 9.58 19.11 2.43
CA GLY A 426 10.62 18.09 2.48
C GLY A 426 10.23 16.81 1.79
N ARG A 427 11.23 16.00 1.52
CA ARG A 427 11.05 14.80 0.73
C ARG A 427 11.43 13.52 1.41
N TYR A 428 11.92 13.61 2.64
CA TYR A 428 12.41 12.44 3.37
C TYR A 428 11.67 12.30 4.70
N ILE A 429 11.04 11.14 4.92
CA ILE A 429 10.17 10.91 6.07
C ILE A 429 10.88 10.03 7.13
N ARG A 430 10.93 10.55 8.36
CA ARG A 430 11.46 9.81 9.50
C ARG A 430 10.29 9.05 10.10
N TYR A 431 10.10 7.81 9.65
CA TYR A 431 8.94 7.03 10.12
C TYR A 431 9.08 6.53 11.55
N GLY A 432 10.29 6.51 12.10
CA GLY A 432 10.53 5.83 13.38
C GLY A 432 10.37 4.33 13.23
N VAL A 433 10.36 3.60 14.36
CA VAL A 433 10.37 2.12 14.33
C VAL A 433 8.92 1.64 14.19
N ARG A 434 8.38 1.83 12.98
CA ARG A 434 6.96 1.73 12.71
C ARG A 434 6.72 1.15 11.31
N GLU A 435 7.19 -0.08 11.09
CA GLU A 435 7.12 -0.63 9.74
C GLU A 435 5.70 -0.78 9.22
N HIS A 436 4.80 -1.27 10.06
CA HIS A 436 3.45 -1.53 9.63
C HIS A 436 2.74 -0.22 9.23
N ALA A 437 2.82 0.78 10.09
CA ALA A 437 2.24 2.07 9.75
C ALA A 437 2.92 2.68 8.53
N MET A 438 4.24 2.53 8.42
CA MET A 438 4.94 3.02 7.22
C MET A 438 4.32 2.40 5.97
N GLY A 439 4.09 1.10 5.98
CA GLY A 439 3.45 0.45 4.85
C GLY A 439 2.07 0.99 4.51
N ALA A 440 1.25 1.21 5.54
CA ALA A 440 -0.12 1.70 5.32
C ALA A 440 -0.12 3.20 4.95
N ILE A 441 0.81 3.96 5.51
CA ILE A 441 0.98 5.37 5.14
C ILE A 441 1.43 5.47 3.69
N MET A 442 2.35 4.61 3.27
CA MET A 442 2.74 4.57 1.85
C MET A 442 1.55 4.35 0.94
N ASN A 443 0.64 3.46 1.36
CA ASN A 443 -0.58 3.25 0.57
C ASN A 443 -1.43 4.52 0.48
N GLY A 444 -1.54 5.25 1.58
CA GLY A 444 -2.24 6.53 1.57
C GLY A 444 -1.59 7.58 0.67
N ILE A 445 -0.27 7.66 0.71
CA ILE A 445 0.44 8.61 -0.16
C ILE A 445 0.18 8.26 -1.63
N ALA A 446 0.25 6.98 -1.98
CA ALA A 446 -0.10 6.56 -3.33
C ALA A 446 -1.54 6.89 -3.68
N ALA A 447 -2.44 6.65 -2.73
CA ALA A 447 -3.86 6.91 -2.93
C ALA A 447 -4.17 8.39 -3.17
N PHE A 448 -3.38 9.28 -2.59
CA PHE A 448 -3.55 10.70 -2.82
C PHE A 448 -3.58 11.00 -4.32
N GLY A 449 -2.66 10.37 -5.05
CA GLY A 449 -2.55 10.54 -6.49
C GLY A 449 -1.42 11.50 -6.84
N ALA A 450 -1.65 12.34 -7.84
CA ALA A 450 -0.65 13.28 -8.34
C ALA A 450 0.69 12.60 -8.69
N ASN A 451 0.59 11.35 -9.13
CA ASN A 451 1.75 10.58 -9.55
C ASN A 451 2.78 10.31 -8.45
N TYR A 452 2.42 10.42 -7.17
CA TYR A 452 3.41 10.15 -6.13
C TYR A 452 3.97 8.73 -6.27
N LYS A 453 5.30 8.64 -6.25
CA LYS A 453 6.05 7.38 -6.32
C LYS A 453 6.82 7.34 -5.01
N ASN A 454 6.28 6.62 -4.02
CA ASN A 454 6.81 6.74 -2.66
C ASN A 454 7.39 5.44 -2.13
N TYR A 455 8.37 5.56 -1.24
CA TYR A 455 9.13 4.40 -0.80
C TYR A 455 9.40 4.41 0.68
N GLY A 456 9.71 3.23 1.20
CA GLY A 456 9.91 3.04 2.63
C GLY A 456 10.98 2.00 2.87
N GLY A 457 11.98 2.36 3.67
CA GLY A 457 13.11 1.47 3.94
C GLY A 457 12.99 0.76 5.28
N THR A 458 13.34 -0.52 5.26
CA THR A 458 13.62 -1.26 6.47
C THR A 458 14.46 -2.48 6.07
N PHE A 459 14.81 -3.31 7.04
CA PHE A 459 15.42 -4.60 6.71
C PHE A 459 14.37 -5.53 6.13
N LEU A 460 14.75 -6.32 5.12
CA LEU A 460 13.81 -7.25 4.51
C LEU A 460 13.07 -8.10 5.54
N ASN A 461 13.76 -8.58 6.56
CA ASN A 461 13.11 -9.44 7.54
C ASN A 461 11.98 -8.74 8.29
N PHE A 462 12.06 -7.41 8.40
CA PHE A 462 11.04 -6.65 9.12
C PHE A 462 9.98 -6.03 8.24
N VAL A 463 10.08 -6.22 6.92
CA VAL A 463 8.93 -5.98 6.03
C VAL A 463 7.77 -6.87 6.51
N SER A 464 8.10 -8.03 7.07
CA SER A 464 7.09 -8.94 7.62
C SER A 464 6.21 -8.36 8.72
N TYR A 465 6.75 -7.39 9.46
CA TYR A 465 5.94 -6.66 10.47
C TYR A 465 4.79 -5.91 9.84
N ALA A 466 4.95 -5.57 8.56
CA ALA A 466 3.98 -4.77 7.79
C ALA A 466 3.15 -5.58 6.82
N ALA A 467 3.15 -6.92 6.93
CA ALA A 467 2.43 -7.76 5.97
C ALA A 467 0.98 -7.33 5.77
N GLY A 468 0.28 -6.91 6.83
CA GLY A 468 -1.10 -6.50 6.69
C GLY A 468 -1.28 -5.41 5.63
N ALA A 469 -0.40 -4.42 5.67
CA ALA A 469 -0.40 -3.33 4.70
C ALA A 469 0.15 -3.71 3.32
N VAL A 470 1.22 -4.52 3.30
CA VAL A 470 1.84 -4.94 2.03
C VAL A 470 0.84 -5.67 1.15
N ARG A 471 0.09 -6.59 1.75
CA ARG A 471 -0.89 -7.31 1.01
C ARG A 471 -1.95 -6.38 0.40
N LEU A 472 -2.32 -5.36 1.16
CA LEU A 472 -3.25 -4.35 0.65
C LEU A 472 -2.65 -3.49 -0.45
N SER A 473 -1.33 -3.25 -0.43
CA SER A 473 -0.71 -2.58 -1.58
C SER A 473 -0.96 -3.37 -2.87
N ALA A 474 -0.83 -4.69 -2.78
CA ALA A 474 -1.03 -5.58 -3.92
C ALA A 474 -2.48 -5.61 -4.36
N LEU A 475 -3.40 -5.78 -3.41
CA LEU A 475 -4.84 -5.85 -3.73
C LEU A 475 -5.38 -4.51 -4.26
N SER A 476 -4.82 -3.41 -3.73
CA SER A 476 -5.23 -2.06 -4.08
C SER A 476 -4.56 -1.55 -5.36
N GLU A 477 -3.54 -2.27 -5.83
CA GLU A 477 -2.81 -1.90 -7.05
C GLU A 477 -2.07 -0.57 -6.89
N PHE A 478 -1.42 -0.39 -5.74
CA PHE A 478 -0.68 0.85 -5.49
C PHE A 478 0.82 0.69 -5.78
N PRO A 479 1.40 1.64 -6.55
CA PRO A 479 2.82 1.60 -6.90
C PRO A 479 3.68 2.20 -5.78
N ILE A 480 3.76 1.46 -4.69
CA ILE A 480 4.63 1.77 -3.56
C ILE A 480 5.87 0.90 -3.66
N THR A 481 6.93 1.31 -2.97
CA THR A 481 8.21 0.61 -3.02
C THR A 481 8.82 0.44 -1.65
N TRP A 482 9.15 -0.81 -1.32
CA TRP A 482 9.92 -1.14 -0.13
C TRP A 482 11.38 -1.25 -0.50
N VAL A 483 12.22 -0.48 0.19
CA VAL A 483 13.68 -0.54 0.04
C VAL A 483 14.15 -1.45 1.18
N ALA A 484 14.29 -2.73 0.87
CA ALA A 484 14.36 -3.80 1.87
C ALA A 484 15.76 -4.37 1.90
N THR A 485 16.61 -3.75 2.71
CA THR A 485 18.03 -4.09 2.72
C THR A 485 18.30 -5.27 3.66
N HIS A 486 19.56 -5.69 3.70
CA HIS A 486 19.98 -6.77 4.62
C HIS A 486 19.19 -8.04 4.31
N ASP A 487 19.24 -8.43 3.04
CA ASP A 487 18.30 -9.42 2.51
C ASP A 487 18.52 -10.88 2.92
N SER A 488 19.66 -11.23 3.51
CA SER A 488 19.96 -12.64 3.72
C SER A 488 20.96 -12.83 4.83
N ILE A 489 21.39 -14.08 5.00
CA ILE A 489 22.55 -14.42 5.82
C ILE A 489 23.80 -13.58 5.50
N GLY A 490 23.86 -12.99 4.31
CA GLY A 490 24.91 -12.02 3.97
C GLY A 490 25.09 -10.87 4.92
N LEU A 491 24.05 -10.56 5.71
CA LEU A 491 24.17 -9.51 6.72
C LEU A 491 25.08 -9.93 7.87
N GLY A 492 25.25 -11.24 8.12
CA GLY A 492 26.26 -11.68 9.09
C GLY A 492 25.81 -11.65 10.54
N GLU A 493 26.51 -10.86 11.35
CA GLU A 493 26.53 -11.03 12.80
C GLU A 493 25.21 -10.79 13.52
N ASP A 494 24.33 -9.94 12.98
CA ASP A 494 23.03 -9.74 13.67
C ASP A 494 22.25 -11.06 13.83
N GLY A 495 22.48 -12.02 12.95
CA GLY A 495 22.02 -13.39 13.19
C GLY A 495 20.59 -13.72 12.79
N PRO A 496 20.11 -14.89 13.23
CA PRO A 496 18.89 -15.46 12.64
C PRO A 496 17.60 -14.68 12.88
N THR A 497 17.55 -13.86 13.93
CA THR A 497 16.37 -13.02 14.15
C THR A 497 16.25 -11.91 13.10
N HIS A 498 17.33 -11.65 12.36
CA HIS A 498 17.40 -10.62 11.36
C HIS A 498 17.49 -11.16 9.92
N GLN A 499 17.76 -12.45 9.74
CA GLN A 499 18.08 -13.00 8.41
C GLN A 499 16.85 -13.65 7.77
N PRO A 500 16.38 -13.08 6.65
CA PRO A 500 15.23 -13.65 5.95
C PRO A 500 15.45 -15.08 5.46
N ILE A 501 14.40 -15.88 5.55
CA ILE A 501 14.36 -17.24 4.99
C ILE A 501 13.10 -17.39 4.14
N GLU A 502 11.96 -17.12 4.76
CA GLU A 502 10.65 -17.29 4.17
C GLU A 502 10.13 -16.07 3.41
N THR A 503 10.83 -14.94 3.55
CA THR A 503 10.24 -13.63 3.26
C THR A 503 9.94 -13.41 1.76
N LEU A 504 10.89 -13.75 0.91
CA LEU A 504 10.65 -13.62 -0.54
C LEU A 504 9.55 -14.56 -1.00
N ALA A 505 9.53 -15.78 -0.46
CA ALA A 505 8.48 -16.73 -0.85
C ALA A 505 7.10 -16.18 -0.50
N HIS A 506 6.98 -15.61 0.71
CA HIS A 506 5.73 -15.01 1.16
C HIS A 506 5.21 -13.96 0.17
N PHE A 507 6.07 -13.00 -0.17
CA PHE A 507 5.64 -11.90 -1.01
C PHE A 507 5.52 -12.29 -2.48
N ARG A 508 6.38 -13.19 -2.96
CA ARG A 508 6.23 -13.71 -4.33
C ARG A 508 4.94 -14.52 -4.50
N ALA A 509 4.49 -15.17 -3.43
CA ALA A 509 3.25 -15.94 -3.43
C ALA A 509 2.01 -15.06 -3.34
N THR A 510 2.19 -13.80 -3.01
CA THR A 510 1.09 -12.85 -2.98
C THR A 510 0.87 -12.33 -4.41
N PRO A 511 -0.38 -12.34 -4.90
CA PRO A 511 -0.61 -11.79 -6.24
C PRO A 511 -0.15 -10.34 -6.35
N ASN A 512 0.40 -9.97 -7.49
CA ASN A 512 0.68 -8.58 -7.82
C ASN A 512 1.72 -7.89 -6.92
N ILE A 513 2.81 -8.61 -6.59
CA ILE A 513 3.97 -7.97 -5.98
C ILE A 513 5.22 -8.28 -6.81
N SER A 514 5.86 -7.22 -7.30
CA SER A 514 7.17 -7.34 -7.96
C SER A 514 8.22 -7.38 -6.86
N VAL A 515 8.99 -8.46 -6.84
CA VAL A 515 9.99 -8.68 -5.80
C VAL A 515 11.34 -8.73 -6.50
N TRP A 516 11.99 -7.58 -6.56
CA TRP A 516 13.29 -7.45 -7.22
C TRP A 516 14.40 -7.80 -6.26
N ARG A 517 15.35 -8.59 -6.73
CA ARG A 517 16.53 -8.93 -5.94
C ARG A 517 17.75 -8.73 -6.86
N PRO A 518 18.12 -7.45 -7.07
CA PRO A 518 19.13 -7.16 -8.09
C PRO A 518 20.51 -7.67 -7.70
N ALA A 519 21.27 -8.14 -8.69
CA ALA A 519 22.59 -8.69 -8.44
C ALA A 519 23.71 -7.67 -8.44
N ASP A 520 23.52 -6.54 -9.11
CA ASP A 520 24.61 -5.59 -9.31
C ASP A 520 24.09 -4.19 -9.65
N GLY A 521 24.98 -3.29 -10.07
CA GLY A 521 24.60 -1.93 -10.36
C GLY A 521 23.54 -1.78 -11.45
N ASN A 522 23.75 -2.44 -12.58
CA ASN A 522 22.78 -2.34 -13.66
C ASN A 522 21.44 -2.92 -13.29
N GLU A 523 21.44 -4.05 -12.58
CA GLU A 523 20.16 -4.64 -12.16
C GLU A 523 19.43 -3.76 -11.15
N THR A 524 20.17 -3.08 -10.28
CA THR A 524 19.57 -2.20 -9.30
C THR A 524 18.88 -1.01 -10.00
N SER A 525 19.51 -0.48 -11.05
CA SER A 525 18.88 0.57 -11.84
C SER A 525 17.62 0.07 -12.56
N ALA A 526 17.64 -1.16 -13.08
CA ALA A 526 16.43 -1.72 -13.69
C ALA A 526 15.31 -1.87 -12.65
N ALA A 527 15.67 -2.31 -11.44
CA ALA A 527 14.67 -2.48 -10.38
C ALA A 527 13.97 -1.16 -10.06
N TYR A 528 14.74 -0.08 -9.95
CA TYR A 528 14.17 1.25 -9.75
C TYR A 528 13.39 1.76 -10.95
N LYS A 529 13.84 1.47 -12.17
CA LYS A 529 13.06 1.87 -13.35
C LYS A 529 11.66 1.24 -13.28
N SER A 530 11.60 -0.04 -12.92
CA SER A 530 10.33 -0.72 -12.78
C SER A 530 9.49 -0.14 -11.64
N ALA A 531 10.12 0.12 -10.50
CA ALA A 531 9.41 0.60 -9.32
C ALA A 531 8.80 1.97 -9.53
N ILE A 532 9.53 2.85 -10.19
CA ILE A 532 9.09 4.24 -10.41
C ILE A 532 8.08 4.33 -11.56
N GLU A 533 8.27 3.53 -12.61
CA GLU A 533 7.31 3.51 -13.71
C GLU A 533 5.99 2.83 -13.36
N SER A 534 6.00 2.02 -12.30
CA SER A 534 4.81 1.28 -11.92
C SER A 534 3.64 2.21 -11.70
N THR A 535 2.46 1.77 -12.16
CA THR A 535 1.22 2.44 -11.82
C THR A 535 0.24 1.55 -11.05
N HIS A 536 0.42 0.23 -11.11
CA HIS A 536 -0.54 -0.71 -10.51
C HIS A 536 0.06 -1.84 -9.70
N THR A 537 1.38 -1.82 -9.46
CA THR A 537 2.05 -2.98 -8.86
C THR A 537 3.08 -2.53 -7.81
N PRO A 538 2.86 -2.90 -6.54
CA PRO A 538 3.87 -2.58 -5.54
C PRO A 538 5.14 -3.39 -5.76
N HIS A 539 6.25 -2.78 -5.33
CA HIS A 539 7.59 -3.33 -5.49
C HIS A 539 8.24 -3.51 -4.13
N ILE A 540 8.94 -4.63 -3.98
CA ILE A 540 9.87 -4.85 -2.88
C ILE A 540 11.25 -5.04 -3.50
N LEU A 541 12.21 -4.19 -3.12
CA LEU A 541 13.60 -4.28 -3.58
C LEU A 541 14.43 -4.92 -2.47
N ALA A 542 14.81 -6.17 -2.68
CA ALA A 542 15.63 -6.93 -1.72
C ALA A 542 17.10 -6.66 -2.01
N LEU A 543 17.77 -5.97 -1.07
CA LEU A 543 19.09 -5.38 -1.28
C LEU A 543 20.09 -5.91 -0.25
N THR A 544 21.37 -5.90 -0.60
CA THR A 544 22.40 -6.52 0.25
C THR A 544 23.10 -5.53 1.16
N ARG A 545 23.53 -6.05 2.31
CA ARG A 545 24.55 -5.40 3.13
C ARG A 545 25.93 -5.51 2.51
N GLN A 546 26.23 -6.69 1.96
CA GLN A 546 27.58 -7.03 1.52
C GLN A 546 27.85 -6.60 0.07
N ASN A 547 29.12 -6.37 -0.24
CA ASN A 547 29.52 -5.98 -1.59
C ASN A 547 29.35 -7.12 -2.60
N LEU A 548 28.91 -6.76 -3.80
CA LEU A 548 28.80 -7.70 -4.93
C LEU A 548 29.51 -7.13 -6.15
N PRO A 549 30.10 -8.01 -6.99
CA PRO A 549 30.79 -7.52 -8.19
C PRO A 549 29.83 -7.06 -9.28
N GLN A 550 30.30 -6.14 -10.12
CA GLN A 550 29.58 -5.82 -11.35
C GLN A 550 29.71 -6.99 -12.31
N LEU A 551 28.59 -7.41 -12.89
CA LEU A 551 28.58 -8.62 -13.71
C LEU A 551 28.87 -8.36 -15.18
N GLU A 552 29.67 -9.24 -15.78
CA GLU A 552 29.79 -9.30 -17.23
C GLU A 552 28.47 -9.80 -17.79
N GLY A 553 27.82 -8.99 -18.63
CA GLY A 553 26.56 -9.36 -19.26
C GLY A 553 25.31 -8.68 -18.74
N SER A 554 25.41 -7.94 -17.64
CA SER A 554 24.23 -7.24 -17.13
C SER A 554 24.03 -5.90 -17.82
N SER A 555 22.79 -5.46 -17.85
CA SER A 555 22.41 -4.15 -18.36
C SER A 555 21.04 -3.82 -17.84
N ILE A 556 20.70 -2.55 -17.88
CA ILE A 556 19.34 -2.14 -17.54
C ILE A 556 18.36 -2.80 -18.51
N GLU A 557 18.69 -2.79 -19.81
CA GLU A 557 17.78 -3.35 -20.81
C GLU A 557 17.46 -4.82 -20.52
N LYS A 558 18.48 -5.64 -20.31
CA LYS A 558 18.22 -7.06 -20.10
C LYS A 558 17.53 -7.31 -18.76
N ALA A 559 17.96 -6.62 -17.71
CA ALA A 559 17.37 -6.85 -16.38
C ALA A 559 15.92 -6.37 -16.33
N SER A 560 15.55 -5.43 -17.20
CA SER A 560 14.17 -4.96 -17.28
C SER A 560 13.16 -6.02 -17.71
N LYS A 561 13.65 -7.13 -18.27
CA LYS A 561 12.81 -8.26 -18.63
C LYS A 561 12.51 -9.19 -17.45
N GLY A 562 13.08 -8.90 -16.27
CA GLY A 562 12.79 -9.66 -15.07
C GLY A 562 13.67 -10.89 -14.92
N GLY A 563 13.89 -11.60 -16.01
CA GLY A 563 14.84 -12.69 -16.09
C GLY A 563 15.53 -12.64 -17.42
N TYR A 564 16.81 -12.98 -17.44
CA TYR A 564 17.58 -12.96 -18.69
C TYR A 564 18.77 -13.88 -18.64
N THR A 565 19.25 -14.27 -19.82
CA THR A 565 20.45 -15.08 -19.91
C THR A 565 21.65 -14.19 -19.69
N LEU A 566 22.36 -14.41 -18.59
CA LEU A 566 23.57 -13.69 -18.28
C LEU A 566 24.78 -14.27 -19.02
N VAL A 567 24.95 -15.59 -18.89
CA VAL A 567 25.99 -16.33 -19.60
C VAL A 567 25.30 -17.37 -20.44
N GLN A 568 25.38 -17.19 -21.77
CA GLN A 568 24.83 -18.12 -22.73
C GLN A 568 25.84 -19.21 -23.02
N GLN A 569 25.41 -20.47 -22.93
CA GLN A 569 26.25 -21.61 -23.24
C GLN A 569 25.45 -22.53 -24.16
N ASP A 570 25.75 -22.47 -25.46
CA ASP A 570 24.98 -23.23 -26.44
C ASP A 570 25.09 -24.74 -26.27
N LYS A 571 26.16 -25.22 -25.61
CA LYS A 571 26.23 -26.67 -25.35
C LYS A 571 26.14 -26.97 -23.87
N ALA A 572 25.22 -26.28 -23.21
CA ALA A 572 25.11 -26.40 -21.75
C ALA A 572 24.69 -27.79 -21.32
N ASP A 573 25.40 -28.31 -20.33
CA ASP A 573 25.00 -29.50 -19.59
C ASP A 573 23.99 -29.16 -18.51
N ILE A 574 24.02 -27.89 -18.08
CA ILE A 574 23.12 -27.42 -17.02
C ILE A 574 23.02 -25.91 -17.14
N ILE A 575 21.88 -25.36 -16.75
CA ILE A 575 21.73 -23.92 -16.57
C ILE A 575 21.52 -23.69 -15.08
N ILE A 576 22.24 -22.72 -14.52
CA ILE A 576 22.05 -22.29 -13.14
C ILE A 576 21.27 -20.98 -13.16
N VAL A 577 20.11 -20.97 -12.53
CA VAL A 577 19.30 -19.74 -12.39
C VAL A 577 19.45 -19.24 -10.96
N ALA A 578 19.73 -17.95 -10.82
CA ALA A 578 20.00 -17.35 -9.52
C ALA A 578 19.51 -15.92 -9.48
N THR A 579 19.49 -15.37 -8.27
CA THR A 579 19.12 -13.98 -8.02
C THR A 579 20.14 -13.31 -7.13
N GLY A 580 20.17 -11.99 -7.20
CA GLY A 580 20.93 -11.20 -6.24
C GLY A 580 22.36 -11.64 -6.02
N SER A 581 22.72 -11.78 -4.76
CA SER A 581 24.06 -12.17 -4.36
C SER A 581 24.48 -13.54 -4.88
N GLU A 582 23.52 -14.39 -5.27
CA GLU A 582 23.85 -15.73 -5.74
C GLU A 582 24.16 -15.79 -7.23
N VAL A 583 23.95 -14.69 -7.97
CA VAL A 583 24.32 -14.68 -9.39
C VAL A 583 25.85 -14.74 -9.54
N SER A 584 26.57 -13.91 -8.79
CA SER A 584 28.05 -13.95 -8.78
C SER A 584 28.54 -15.33 -8.35
N LEU A 585 27.87 -15.92 -7.36
CA LEU A 585 28.19 -17.27 -6.91
C LEU A 585 28.04 -18.28 -8.05
N ALA A 586 26.95 -18.19 -8.81
CA ALA A 586 26.73 -19.06 -9.95
C ALA A 586 27.82 -18.91 -11.01
N VAL A 587 28.22 -17.68 -11.28
CA VAL A 587 29.29 -17.41 -12.25
C VAL A 587 30.60 -18.05 -11.77
N ASP A 588 30.90 -17.95 -10.48
CA ASP A 588 32.11 -18.61 -9.96
C ASP A 588 31.99 -20.13 -10.01
N ALA A 589 30.79 -20.65 -9.77
CA ALA A 589 30.56 -22.09 -9.85
C ALA A 589 30.76 -22.60 -11.29
N LEU A 590 30.38 -21.78 -12.26
CA LEU A 590 30.56 -22.14 -13.68
C LEU A 590 32.05 -22.44 -13.94
N LYS A 591 32.94 -21.64 -13.37
CA LYS A 591 34.39 -21.85 -13.54
C LYS A 591 34.85 -23.16 -12.90
N VAL A 592 34.36 -23.45 -11.69
CA VAL A 592 34.65 -24.73 -11.04
C VAL A 592 34.15 -25.90 -11.90
N LEU A 593 32.94 -25.78 -12.41
CA LEU A 593 32.36 -26.84 -13.26
C LEU A 593 33.16 -27.08 -14.53
N GLU A 594 33.69 -26.02 -15.13
CA GLU A 594 34.52 -26.15 -16.33
C GLU A 594 35.69 -27.09 -16.06
N GLY A 595 36.29 -26.99 -14.88
CA GLY A 595 37.37 -27.88 -14.46
C GLY A 595 36.98 -29.33 -14.25
N GLN A 596 35.68 -29.57 -14.01
CA GLN A 596 35.11 -30.91 -13.88
C GLN A 596 34.53 -31.43 -15.20
N GLY A 597 34.72 -30.68 -16.29
CA GLY A 597 34.22 -31.05 -17.62
C GLY A 597 32.74 -30.82 -17.85
N ILE A 598 32.16 -29.91 -17.07
CA ILE A 598 30.74 -29.60 -17.16
C ILE A 598 30.58 -28.16 -17.63
N LYS A 599 29.78 -27.97 -18.68
CA LYS A 599 29.50 -26.66 -19.22
C LYS A 599 28.18 -26.13 -18.68
N ALA A 600 28.22 -24.94 -18.06
CA ALA A 600 27.04 -24.33 -17.48
C ALA A 600 26.72 -23.02 -18.16
N GLY A 601 25.42 -22.71 -18.24
CA GLY A 601 24.97 -21.34 -18.49
C GLY A 601 24.45 -20.74 -17.19
N VAL A 602 24.29 -19.42 -17.18
CA VAL A 602 23.75 -18.70 -16.02
C VAL A 602 22.62 -17.79 -16.45
N VAL A 603 21.50 -17.89 -15.73
CA VAL A 603 20.36 -17.00 -15.84
C VAL A 603 20.29 -16.17 -14.57
N SER A 604 20.07 -14.87 -14.75
CA SER A 604 19.75 -13.97 -13.62
C SER A 604 18.25 -13.67 -13.65
N LEU A 605 17.59 -13.80 -12.50
CA LEU A 605 16.14 -13.65 -12.40
C LEU A 605 15.80 -12.57 -11.37
N PRO A 606 16.16 -11.32 -11.67
CA PRO A 606 15.95 -10.28 -10.66
C PRO A 606 14.50 -10.03 -10.23
N ASP A 607 13.51 -10.27 -11.09
CA ASP A 607 12.09 -10.21 -10.65
C ASP A 607 11.26 -11.28 -11.32
N GLN A 608 10.75 -12.22 -10.52
CA GLN A 608 9.95 -13.31 -11.05
C GLN A 608 8.64 -12.83 -11.64
N LEU A 609 8.02 -11.81 -11.04
CA LEU A 609 6.74 -11.33 -11.61
C LEU A 609 6.96 -10.71 -13.00
N THR A 610 7.93 -9.82 -13.13
CA THR A 610 8.22 -9.20 -14.43
C THR A 610 8.56 -10.27 -15.45
N PHE A 611 9.36 -11.27 -15.06
CA PHE A 611 9.69 -12.36 -15.95
C PHE A 611 8.44 -13.11 -16.41
N ASP A 612 7.57 -13.45 -15.45
CA ASP A 612 6.35 -14.19 -15.77
C ASP A 612 5.49 -13.48 -16.82
N LYS A 613 5.51 -12.14 -16.81
CA LYS A 613 4.72 -11.33 -17.74
C LYS A 613 5.30 -11.23 -19.14
N GLN A 614 6.51 -11.73 -19.35
CA GLN A 614 7.10 -11.73 -20.69
C GLN A 614 6.42 -12.79 -21.55
N SER A 615 6.65 -12.72 -22.86
CA SER A 615 6.06 -13.70 -23.77
C SER A 615 6.57 -15.11 -23.49
N GLU A 616 5.76 -16.10 -23.86
CA GLU A 616 6.16 -17.50 -23.71
C GLU A 616 7.48 -17.78 -24.46
N GLU A 617 7.63 -17.21 -25.64
CA GLU A 617 8.85 -17.39 -26.44
C GLU A 617 10.07 -16.76 -25.75
N TYR A 618 9.91 -15.54 -25.22
CA TYR A 618 11.02 -14.93 -24.49
C TYR A 618 11.40 -15.81 -23.30
N LYS A 619 10.42 -16.26 -22.54
CA LYS A 619 10.71 -17.05 -21.32
C LYS A 619 11.43 -18.36 -21.68
N LEU A 620 11.00 -19.02 -22.75
CA LEU A 620 11.65 -20.25 -23.21
C LEU A 620 13.07 -20.02 -23.73
N SER A 621 13.36 -18.81 -24.23
CA SER A 621 14.74 -18.48 -24.63
C SER A 621 15.68 -18.41 -23.43
N VAL A 622 15.13 -18.11 -22.26
CA VAL A 622 15.88 -18.05 -21.00
C VAL A 622 15.93 -19.41 -20.31
N LEU A 623 14.81 -20.13 -20.31
CA LEU A 623 14.70 -21.44 -19.65
C LEU A 623 14.26 -22.47 -20.69
N PRO A 624 15.20 -22.90 -21.55
CA PRO A 624 14.82 -23.79 -22.66
C PRO A 624 14.50 -25.22 -22.22
N ASP A 625 13.88 -25.97 -23.13
CA ASP A 625 13.76 -27.41 -23.03
C ASP A 625 15.12 -28.08 -23.21
N GLY A 626 15.22 -29.31 -22.73
CA GLY A 626 16.35 -30.17 -23.06
C GLY A 626 17.60 -30.00 -22.24
N VAL A 627 17.50 -29.28 -21.12
CA VAL A 627 18.66 -29.07 -20.26
C VAL A 627 18.22 -28.94 -18.80
N PRO A 628 18.88 -29.67 -17.90
CA PRO A 628 18.55 -29.47 -16.49
C PRO A 628 18.85 -28.06 -16.00
N ILE A 629 18.01 -27.58 -15.09
CA ILE A 629 18.09 -26.24 -14.56
C ILE A 629 18.10 -26.34 -13.03
N LEU A 630 19.12 -25.73 -12.43
CA LEU A 630 19.30 -25.68 -10.98
C LEU A 630 19.14 -24.24 -10.51
N SER A 631 18.26 -24.00 -9.53
CA SER A 631 18.18 -22.68 -8.89
C SER A 631 19.10 -22.55 -7.69
N VAL A 632 19.62 -21.35 -7.49
CA VAL A 632 20.47 -21.03 -6.35
C VAL A 632 20.04 -19.67 -5.78
N GLU A 633 19.58 -19.69 -4.52
CA GLU A 633 19.15 -18.49 -3.81
C GLU A 633 19.20 -18.85 -2.33
N VAL A 634 19.84 -18.03 -1.49
CA VAL A 634 20.13 -18.41 -0.08
CA VAL A 634 20.14 -18.43 -0.12
C VAL A 634 18.97 -18.20 0.86
N MET A 635 17.80 -18.67 0.45
CA MET A 635 16.58 -18.59 1.26
C MET A 635 15.63 -19.67 0.75
N SER A 636 14.36 -19.63 1.13
CA SER A 636 13.44 -20.71 0.85
C SER A 636 13.46 -21.15 -0.60
N THR A 637 13.32 -22.46 -0.81
CA THR A 637 13.18 -22.98 -2.15
C THR A 637 11.75 -22.88 -2.69
N PHE A 638 10.79 -22.41 -1.90
CA PHE A 638 9.40 -22.30 -2.38
C PHE A 638 9.31 -21.38 -3.59
N GLY A 639 8.50 -21.79 -4.56
CA GLY A 639 8.32 -21.06 -5.82
C GLY A 639 9.30 -21.44 -6.92
N TRP A 640 10.49 -21.91 -6.53
CA TRP A 640 11.58 -22.06 -7.49
C TRP A 640 11.37 -23.13 -8.54
N SER A 641 10.51 -24.10 -8.26
CA SER A 641 10.16 -25.13 -9.24
C SER A 641 9.43 -24.58 -10.45
N LYS A 642 8.95 -23.33 -10.39
CA LYS A 642 8.43 -22.68 -11.59
C LYS A 642 9.53 -22.52 -12.67
N TYR A 643 10.79 -22.45 -12.24
CA TYR A 643 11.89 -22.06 -13.09
C TYR A 643 13.02 -23.06 -13.16
N SER A 644 12.93 -24.15 -12.40
CA SER A 644 14.06 -25.06 -12.24
C SER A 644 13.59 -26.46 -11.98
N HIS A 645 14.46 -27.43 -12.23
CA HIS A 645 14.21 -28.84 -11.93
C HIS A 645 14.67 -29.22 -10.54
N GLN A 646 15.79 -28.64 -10.10
CA GLN A 646 16.33 -28.87 -8.75
C GLN A 646 16.60 -27.50 -8.15
N GLN A 647 16.53 -27.41 -6.82
CA GLN A 647 16.65 -26.14 -6.10
C GLN A 647 17.63 -26.26 -4.94
N PHE A 648 18.63 -25.39 -4.98
CA PHE A 648 19.57 -25.23 -3.88
C PHE A 648 19.21 -23.95 -3.15
N GLY A 649 18.64 -24.11 -1.96
CA GLY A 649 18.27 -22.98 -1.12
C GLY A 649 18.56 -23.24 0.32
N LEU A 650 18.04 -22.35 1.16
CA LEU A 650 18.25 -22.42 2.62
C LEU A 650 16.87 -22.47 3.25
N ASN A 651 16.53 -23.62 3.81
CA ASN A 651 15.20 -23.88 4.38
C ASN A 651 15.26 -24.09 5.90
N ARG A 652 16.27 -23.55 6.52
CA ARG A 652 16.45 -23.53 7.96
C ARG A 652 16.83 -22.10 8.35
N PHE A 653 16.75 -21.77 9.64
CA PHE A 653 17.15 -20.45 10.09
C PHE A 653 18.67 -20.28 9.98
N GLY A 654 19.09 -19.02 10.03
CA GLY A 654 20.49 -18.68 9.86
C GLY A 654 21.32 -18.82 11.11
N ALA A 655 22.29 -17.92 11.25
CA ALA A 655 23.30 -18.02 12.30
C ALA A 655 23.94 -16.68 12.54
N SER A 656 24.45 -16.46 13.74
CA SER A 656 25.19 -15.24 14.06
C SER A 656 26.69 -15.47 13.88
N GLY A 657 27.27 -14.86 12.84
CA GLY A 657 28.71 -14.95 12.60
C GLY A 657 29.08 -14.07 11.43
N LYS A 658 30.37 -14.03 11.10
CA LYS A 658 30.84 -13.32 9.91
C LYS A 658 30.19 -13.95 8.68
N ALA A 659 29.61 -13.13 7.82
CA ALA A 659 28.81 -13.64 6.69
C ALA A 659 29.52 -14.70 5.84
N PRO A 660 30.81 -14.49 5.44
CA PRO A 660 31.44 -15.53 4.61
C PRO A 660 31.49 -16.90 5.28
N GLU A 661 31.65 -16.92 6.61
CA GLU A 661 31.66 -18.16 7.35
C GLU A 661 30.28 -18.85 7.36
N ILE A 662 29.21 -18.06 7.37
CA ILE A 662 27.85 -18.63 7.30
C ILE A 662 27.65 -19.24 5.92
N PHE A 663 28.05 -18.52 4.86
CA PHE A 663 27.95 -19.09 3.51
C PHE A 663 28.71 -20.41 3.40
N LYS A 664 29.91 -20.46 3.97
CA LYS A 664 30.71 -21.68 3.94
C LYS A 664 30.00 -22.81 4.72
N LEU A 665 29.45 -22.49 5.88
CA LEU A 665 28.75 -23.49 6.70
C LEU A 665 27.63 -24.17 5.91
N PHE A 666 26.86 -23.38 5.18
CA PHE A 666 25.73 -23.92 4.41
C PHE A 666 26.09 -24.34 2.98
N GLU A 667 27.38 -24.28 2.64
CA GLU A 667 27.92 -24.76 1.36
C GLU A 667 27.45 -23.94 0.17
N PHE A 668 27.09 -22.67 0.42
CA PHE A 668 26.87 -21.69 -0.64
C PHE A 668 28.20 -21.08 -1.06
N THR A 669 28.99 -21.94 -1.71
CA THR A 669 30.33 -21.65 -2.18
C THR A 669 30.40 -22.11 -3.63
N PRO A 670 31.40 -21.65 -4.39
CA PRO A 670 31.51 -22.13 -5.77
C PRO A 670 31.58 -23.67 -5.86
N GLU A 671 32.29 -24.29 -4.92
CA GLU A 671 32.44 -25.74 -4.90
C GLU A 671 31.13 -26.43 -4.48
N GLY A 672 30.40 -25.85 -3.53
CA GLY A 672 29.14 -26.44 -3.08
C GLY A 672 28.06 -26.37 -4.16
N VAL A 673 28.00 -25.24 -4.87
CA VAL A 673 27.09 -25.11 -6.01
C VAL A 673 27.51 -26.07 -7.12
N ALA A 674 28.80 -26.15 -7.41
CA ALA A 674 29.26 -27.07 -8.47
C ALA A 674 28.91 -28.50 -8.14
N GLU A 675 29.08 -28.90 -6.87
CA GLU A 675 28.75 -30.28 -6.47
C GLU A 675 27.29 -30.59 -6.74
N ARG A 676 26.41 -29.66 -6.39
CA ARG A 676 24.99 -29.88 -6.61
C ARG A 676 24.61 -29.82 -8.09
N ALA A 677 25.29 -28.96 -8.86
CA ALA A 677 25.15 -28.95 -10.31
C ALA A 677 25.56 -30.28 -10.95
N ALA A 678 26.71 -30.80 -10.54
CA ALA A 678 27.15 -32.10 -11.05
C ALA A 678 26.17 -33.22 -10.69
N LYS A 679 25.66 -33.21 -9.45
CA LYS A 679 24.66 -34.20 -9.06
C LYS A 679 23.38 -34.06 -9.89
N THR A 680 23.01 -32.83 -10.23
CA THR A 680 21.83 -32.58 -11.07
C THR A 680 22.01 -33.14 -12.49
N VAL A 681 23.17 -32.88 -13.08
CA VAL A 681 23.49 -33.44 -14.41
C VAL A 681 23.39 -34.97 -14.35
N ALA A 682 23.96 -35.58 -13.31
CA ALA A 682 23.96 -37.04 -13.20
C ALA A 682 22.54 -37.60 -13.01
N PHE A 683 21.73 -36.90 -12.22
CA PHE A 683 20.37 -37.31 -11.93
C PHE A 683 19.51 -37.39 -13.19
N TYR A 684 19.77 -36.51 -14.16
CA TYR A 684 19.01 -36.48 -15.40
C TYR A 684 19.66 -37.21 -16.57
N LYS A 685 20.81 -37.86 -16.36
CA LYS A 685 21.45 -38.65 -17.42
C LYS A 685 20.46 -39.71 -17.92
N GLY A 686 20.25 -39.74 -19.23
CA GLY A 686 19.30 -40.68 -19.86
C GLY A 686 17.83 -40.39 -19.63
N LYS A 687 17.50 -39.20 -19.11
CA LYS A 687 16.12 -38.74 -18.96
C LYS A 687 15.84 -37.64 -20.01
N ASP A 688 14.59 -37.52 -20.41
CA ASP A 688 14.15 -36.44 -21.28
C ASP A 688 13.73 -35.31 -20.36
N VAL A 689 14.27 -34.13 -20.62
CA VAL A 689 14.04 -32.99 -19.74
C VAL A 689 13.32 -31.89 -20.52
N VAL A 690 12.19 -31.41 -20.01
CA VAL A 690 11.50 -30.28 -20.64
C VAL A 690 11.58 -29.07 -19.71
N SER A 691 11.41 -27.89 -20.28
CA SER A 691 11.49 -26.67 -19.51
C SER A 691 10.54 -26.70 -18.32
N PRO A 692 10.99 -26.18 -17.15
CA PRO A 692 10.06 -26.01 -16.05
C PRO A 692 8.86 -25.10 -16.38
N LEU A 693 8.97 -24.31 -17.45
CA LEU A 693 7.86 -23.47 -17.91
C LEU A 693 6.68 -24.25 -18.51
N ARG A 694 6.90 -25.52 -18.88
CA ARG A 694 5.84 -26.33 -19.45
C ARG A 694 4.92 -26.80 -18.32
N SER A 695 3.65 -26.97 -18.64
CA SER A 695 2.69 -27.53 -17.69
C SER A 695 1.54 -28.17 -18.43
N ALA A 696 0.82 -29.01 -17.71
CA ALA A 696 -0.30 -29.75 -18.28
C ALA A 696 -1.55 -28.90 -18.49
N PHE A 697 -1.67 -27.80 -17.75
CA PHE A 697 -2.83 -26.90 -17.83
C PHE A 697 -2.41 -25.54 -17.27
#